data_2H9X
#
_entry.id   2H9X
#
_cell.length_a   1.000
_cell.length_b   1.000
_cell.length_c   1.000
_cell.angle_alpha   90.00
_cell.angle_beta   90.00
_cell.angle_gamma   90.00
#
_symmetry.space_group_name_H-M   'P 1'
#
_entity_poly.entity_id   1
_entity_poly.type   'polypeptide(L)'
_entity_poly.pdbx_seq_one_letter_code
;GV(HYP)CRCDSDGPSVHGNTLSGTVWVGSCASGWHKCNDEYNIAYECCKQ
;
_entity_poly.pdbx_strand_id   A
#
# COMPACT_ATOMS: atom_id res chain seq x y z
N GLY A 1 5.36 -10.33 -3.76
CA GLY A 1 4.99 -8.96 -3.38
C GLY A 1 6.18 -8.27 -2.75
N VAL A 2 5.97 -7.07 -2.25
CA VAL A 2 6.98 -6.27 -1.56
C VAL A 2 6.27 -5.48 -0.46
N CYS A 4 4.93 -2.38 1.31
CA CYS A 4 4.69 -1.00 0.94
C CYS A 4 3.52 -0.35 1.69
N ARG A 5 3.79 0.82 2.28
CA ARG A 5 2.86 1.58 3.09
C ARG A 5 1.83 2.37 2.28
N CYS A 6 0.91 2.94 3.03
CA CYS A 6 -0.24 3.71 2.58
C CYS A 6 -0.11 5.20 2.94
N ASP A 7 -1.05 6.04 2.47
CA ASP A 7 -1.04 7.50 2.68
C ASP A 7 -1.00 7.87 4.16
N SER A 8 -1.80 7.15 4.95
CA SER A 8 -1.92 7.25 6.39
C SER A 8 -1.27 6.02 7.04
N ASP A 9 0.00 5.73 6.72
CA ASP A 9 0.75 4.59 7.28
C ASP A 9 0.59 4.46 8.81
N GLY A 10 0.65 5.59 9.51
CA GLY A 10 0.47 5.70 10.96
C GLY A 10 1.60 6.42 11.68
N PRO A 11 1.73 7.72 11.42
CA PRO A 11 2.79 8.54 11.98
C PRO A 11 2.90 8.60 13.51
N SER A 12 1.82 8.31 14.23
CA SER A 12 1.75 8.29 15.70
C SER A 12 0.77 7.27 16.26
N VAL A 13 0.68 6.16 15.56
CA VAL A 13 -0.26 5.07 15.88
C VAL A 13 0.35 3.67 15.74
N HIS A 14 -0.30 2.68 16.34
CA HIS A 14 0.14 1.28 16.37
C HIS A 14 0.01 0.59 15.00
N GLY A 15 0.88 -0.39 14.75
CA GLY A 15 0.87 -1.20 13.52
C GLY A 15 1.12 -0.45 12.21
N ASN A 16 1.94 0.60 12.32
CA ASN A 16 2.34 1.56 11.28
C ASN A 16 3.33 1.04 10.21
N THR A 17 3.88 -0.14 10.47
CA THR A 17 4.79 -0.88 9.61
C THR A 17 4.17 -1.22 8.25
N LEU A 18 4.99 -1.78 7.35
CA LEU A 18 4.62 -2.22 6.00
C LEU A 18 3.66 -3.43 5.95
N SER A 19 2.47 -3.24 6.53
CA SER A 19 1.36 -4.21 6.56
C SER A 19 0.64 -4.19 5.21
N GLY A 20 0.92 -3.17 4.39
CA GLY A 20 0.44 -2.92 3.03
C GLY A 20 1.43 -3.59 2.08
N THR A 21 1.07 -3.74 0.80
CA THR A 21 1.94 -4.41 -0.15
C THR A 21 1.85 -3.83 -1.55
N VAL A 22 2.99 -3.84 -2.26
CA VAL A 22 3.11 -3.41 -3.63
C VAL A 22 3.10 -4.65 -4.49
N TRP A 23 2.34 -4.46 -5.53
CA TRP A 23 1.99 -5.36 -6.60
C TRP A 23 2.32 -4.56 -7.82
N VAL A 24 3.32 -5.06 -8.51
CA VAL A 24 3.77 -4.35 -9.67
C VAL A 24 2.85 -4.67 -10.80
N GLY A 25 2.93 -3.85 -11.84
CA GLY A 25 2.02 -4.06 -12.96
C GLY A 25 0.65 -3.41 -12.61
N SER A 26 0.03 -3.83 -11.48
CA SER A 26 -1.23 -3.40 -10.83
C SER A 26 -1.56 -4.25 -9.56
N CYS A 27 -2.55 -3.85 -8.76
CA CYS A 27 -3.04 -4.45 -7.49
C CYS A 27 -3.46 -5.93 -7.53
N ALA A 28 -3.75 -6.44 -6.33
CA ALA A 28 -4.22 -7.78 -6.06
C ALA A 28 -5.76 -7.82 -6.02
N SER A 29 -6.33 -8.89 -6.57
CA SER A 29 -7.75 -9.26 -6.79
C SER A 29 -8.79 -9.06 -5.69
N GLY A 30 -8.38 -8.80 -4.45
CA GLY A 30 -9.27 -8.55 -3.30
C GLY A 30 -8.91 -7.32 -2.46
N TRP A 31 -7.89 -6.57 -2.89
CA TRP A 31 -7.38 -5.39 -2.19
C TRP A 31 -7.83 -4.10 -2.89
N HIS A 32 -7.48 -2.94 -2.33
CA HIS A 32 -7.80 -1.64 -2.95
C HIS A 32 -6.75 -0.59 -2.58
N LYS A 33 -6.82 0.56 -3.26
CA LYS A 33 -5.90 1.70 -3.05
C LYS A 33 -6.01 2.33 -1.68
N CYS A 34 -4.90 2.26 -0.97
CA CYS A 34 -4.77 2.86 0.34
C CYS A 34 -4.14 4.27 0.25
N ASN A 35 -3.95 4.78 -0.99
CA ASN A 35 -3.38 6.08 -1.25
C ASN A 35 -3.76 6.59 -2.66
N ASP A 36 -3.52 7.89 -2.93
CA ASP A 36 -3.84 8.52 -4.23
C ASP A 36 -2.84 8.18 -5.33
N GLU A 37 -1.59 7.99 -4.92
CA GLU A 37 -0.46 7.60 -5.75
C GLU A 37 -0.28 6.08 -5.61
N TYR A 38 0.74 5.47 -6.20
CA TYR A 38 0.95 4.02 -6.13
C TYR A 38 2.42 3.71 -6.05
N ASN A 39 3.15 4.02 -7.13
CA ASN A 39 4.57 3.77 -7.26
C ASN A 39 5.16 4.18 -8.62
N ILE A 40 6.50 4.11 -8.65
CA ILE A 40 7.43 4.36 -9.74
C ILE A 40 7.03 3.72 -11.09
N ALA A 41 6.55 2.50 -10.92
CA ALA A 41 6.11 1.54 -11.90
C ALA A 41 4.86 0.78 -11.44
N TYR A 42 4.99 0.30 -10.21
CA TYR A 42 4.08 -0.51 -9.41
C TYR A 42 2.88 0.21 -8.81
N GLU A 43 2.24 -0.48 -7.87
CA GLU A 43 1.11 0.02 -7.13
C GLU A 43 1.01 -0.57 -5.72
N CYS A 44 0.86 0.30 -4.74
CA CYS A 44 0.67 -0.07 -3.35
C CYS A 44 -0.84 -0.16 -3.05
N CYS A 45 -1.23 -1.18 -2.28
CA CYS A 45 -2.58 -1.47 -1.82
C CYS A 45 -2.50 -2.07 -0.42
N LYS A 46 -3.66 -2.20 0.21
CA LYS A 46 -3.80 -2.77 1.56
C LYS A 46 -4.94 -3.76 1.69
N GLN A 47 -4.96 -4.49 2.79
CA GLN A 47 -5.97 -5.48 3.18
C GLN A 47 -6.09 -5.66 4.71
N GLY A 1 5.15 -9.55 -4.86
CA GLY A 1 4.65 -8.77 -3.72
C GLY A 1 5.82 -8.26 -2.92
N VAL A 2 5.69 -7.07 -2.33
CA VAL A 2 6.76 -6.42 -1.56
C VAL A 2 6.20 -5.54 -0.44
N CYS A 4 5.14 -2.42 1.31
CA CYS A 4 4.85 -1.05 0.95
C CYS A 4 3.67 -0.52 1.73
N ARG A 5 3.88 0.64 2.35
CA ARG A 5 2.87 1.32 3.14
C ARG A 5 1.80 2.02 2.29
N CYS A 6 0.96 2.77 3.00
CA CYS A 6 -0.19 3.50 2.48
C CYS A 6 -0.12 5.00 2.83
N ASP A 7 -1.15 5.76 2.44
CA ASP A 7 -1.29 7.19 2.72
C ASP A 7 -1.17 7.43 4.23
N SER A 8 -2.15 6.87 4.95
CA SER A 8 -2.32 6.86 6.38
C SER A 8 -1.58 5.65 7.01
N ASP A 9 -0.30 5.44 6.69
CA ASP A 9 0.55 4.37 7.24
C ASP A 9 0.70 4.38 8.77
N GLY A 10 0.34 5.49 9.39
CA GLY A 10 0.34 5.72 10.83
C GLY A 10 1.66 5.70 11.55
N PRO A 11 2.58 6.58 11.15
CA PRO A 11 3.89 6.76 11.75
C PRO A 11 3.89 7.21 13.24
N SER A 12 2.71 7.42 13.83
CA SER A 12 2.50 7.90 15.21
C SER A 12 1.44 7.15 16.00
N VAL A 13 0.92 6.06 15.44
CA VAL A 13 -0.17 5.27 16.03
C VAL A 13 0.05 3.75 15.88
N HIS A 14 -1.00 2.96 16.07
CA HIS A 14 -0.99 1.51 16.00
C HIS A 14 -0.59 0.94 14.62
N GLY A 15 0.27 -0.09 14.61
CA GLY A 15 0.74 -0.81 13.41
C GLY A 15 1.59 -0.05 12.40
N ASN A 16 2.30 0.97 12.88
CA ASN A 16 3.25 1.97 12.31
C ASN A 16 4.37 1.44 11.38
N THR A 17 3.98 0.63 10.42
CA THR A 17 4.80 -0.07 9.45
C THR A 17 4.14 -0.21 8.07
N LEU A 18 4.78 -1.02 7.22
CA LEU A 18 4.40 -1.41 5.87
C LEU A 18 3.17 -2.34 5.88
N SER A 19 2.08 -1.92 6.55
CA SER A 19 0.77 -2.59 6.69
C SER A 19 -0.03 -2.47 5.36
N GLY A 20 0.62 -2.88 4.30
CA GLY A 20 0.20 -2.88 2.91
C GLY A 20 1.21 -3.69 2.08
N THR A 21 1.06 -3.71 0.77
CA THR A 21 1.92 -4.49 -0.12
C THR A 21 1.89 -3.90 -1.51
N VAL A 22 3.05 -3.83 -2.17
CA VAL A 22 3.12 -3.37 -3.52
C VAL A 22 3.07 -4.57 -4.42
N TRP A 23 2.29 -4.34 -5.42
CA TRP A 23 1.93 -5.18 -6.54
C TRP A 23 2.32 -4.36 -7.74
N VAL A 24 3.27 -4.93 -8.44
CA VAL A 24 3.86 -4.31 -9.59
C VAL A 24 3.05 -4.64 -10.82
N GLY A 25 2.94 -3.67 -11.71
CA GLY A 25 2.14 -3.89 -12.90
C GLY A 25 0.67 -3.56 -12.56
N SER A 26 0.10 -4.16 -11.50
CA SER A 26 -1.27 -3.93 -11.00
C SER A 26 -1.57 -4.53 -9.60
N CYS A 27 -2.52 -3.96 -8.86
CA CYS A 27 -2.99 -4.42 -7.53
C CYS A 27 -3.55 -5.85 -7.57
N ALA A 28 -3.42 -6.51 -6.43
CA ALA A 28 -3.92 -7.86 -6.19
C ALA A 28 -5.46 -7.85 -6.16
N SER A 29 -6.07 -8.84 -6.81
CA SER A 29 -7.50 -9.11 -7.03
C SER A 29 -8.48 -8.50 -6.02
N GLY A 30 -8.44 -9.01 -4.79
CA GLY A 30 -9.31 -8.65 -3.67
C GLY A 30 -8.84 -7.49 -2.78
N TRP A 31 -7.78 -6.78 -3.18
CA TRP A 31 -7.27 -5.63 -2.43
C TRP A 31 -7.79 -4.32 -3.03
N HIS A 32 -7.44 -3.18 -2.41
CA HIS A 32 -7.84 -1.86 -2.93
C HIS A 32 -6.77 -0.84 -2.59
N LYS A 33 -6.79 0.30 -3.30
CA LYS A 33 -5.87 1.41 -3.08
C LYS A 33 -6.02 2.03 -1.72
N CYS A 34 -4.92 2.04 -1.01
CA CYS A 34 -4.81 2.63 0.29
C CYS A 34 -4.22 4.06 0.18
N ASN A 35 -4.07 4.62 -1.04
CA ASN A 35 -3.50 5.96 -1.23
C ASN A 35 -3.90 6.58 -2.58
N ASP A 36 -3.62 7.87 -2.77
CA ASP A 36 -3.89 8.61 -4.03
C ASP A 36 -2.93 8.17 -5.13
N GLU A 37 -1.65 8.19 -4.81
CA GLU A 37 -0.54 7.76 -5.63
C GLU A 37 -0.43 6.24 -5.44
N TYR A 38 0.64 5.60 -5.89
CA TYR A 38 0.82 4.17 -5.73
C TYR A 38 2.29 3.83 -5.58
N ASN A 39 3.06 4.23 -6.59
CA ASN A 39 4.47 4.02 -6.78
C ASN A 39 5.00 4.47 -8.15
N ILE A 40 6.32 4.34 -8.28
CA ILE A 40 7.24 4.58 -9.39
C ILE A 40 6.83 3.99 -10.75
N ALA A 41 6.29 2.79 -10.62
CA ALA A 41 5.83 1.87 -11.64
C ALA A 41 4.58 1.09 -11.21
N TYR A 42 4.72 0.57 -10.00
CA TYR A 42 3.86 -0.28 -9.21
C TYR A 42 2.67 0.40 -8.53
N GLU A 43 2.06 -0.36 -7.61
CA GLU A 43 0.94 0.09 -6.80
C GLU A 43 0.87 -0.56 -5.42
N CYS A 44 0.86 0.29 -4.40
CA CYS A 44 0.73 -0.11 -3.01
C CYS A 44 -0.75 -0.20 -2.61
N CYS A 45 -1.20 -1.40 -2.30
CA CYS A 45 -2.56 -1.69 -1.85
C CYS A 45 -2.47 -2.29 -0.45
N LYS A 46 -3.63 -2.42 0.17
CA LYS A 46 -3.78 -3.01 1.50
C LYS A 46 -4.90 -4.03 1.54
N GLN A 47 -4.98 -4.78 2.63
CA GLN A 47 -6.00 -5.80 2.89
C GLN A 47 -6.13 -6.13 4.38
N GLY A 1 4.35 -9.89 -3.34
CA GLY A 1 4.14 -8.63 -2.61
C GLY A 1 5.43 -8.14 -2.01
N VAL A 2 5.43 -6.88 -1.60
CA VAL A 2 6.58 -6.16 -1.04
C VAL A 2 6.11 -5.20 0.06
N CYS A 4 5.21 -1.96 1.70
CA CYS A 4 4.91 -0.60 1.27
C CYS A 4 3.81 0.03 2.10
N ARG A 5 4.04 1.28 2.48
CA ARG A 5 3.11 2.08 3.28
C ARG A 5 2.18 2.95 2.46
N CYS A 6 1.14 3.34 3.15
CA CYS A 6 0.02 4.16 2.68
C CYS A 6 0.43 5.65 2.88
N ASP A 7 -0.30 6.63 2.34
CA ASP A 7 0.07 8.06 2.45
C ASP A 7 0.00 8.58 3.89
N SER A 8 -1.01 8.09 4.60
CA SER A 8 -1.30 8.35 6.00
C SER A 8 -0.92 7.12 6.86
N ASP A 9 0.29 6.58 6.65
CA ASP A 9 0.83 5.38 7.34
C ASP A 9 0.68 5.33 8.85
N GLY A 10 0.67 6.50 9.49
CA GLY A 10 0.56 6.66 10.92
C GLY A 10 -0.74 6.23 11.56
N PRO A 11 -1.76 7.11 11.55
CA PRO A 11 -3.10 6.85 12.06
C PRO A 11 -3.82 5.65 11.43
N SER A 12 -3.21 4.99 10.45
CA SER A 12 -3.72 3.81 9.78
C SER A 12 -3.37 2.54 10.53
N VAL A 13 -2.25 2.53 11.27
CA VAL A 13 -1.78 1.33 11.96
C VAL A 13 -0.94 1.58 13.22
N HIS A 14 -0.39 0.50 13.78
CA HIS A 14 0.41 0.44 15.01
C HIS A 14 1.77 1.19 15.00
N GLY A 15 2.17 1.83 13.90
CA GLY A 15 3.40 2.61 13.78
C GLY A 15 4.67 1.85 13.36
N ASN A 16 5.56 2.54 12.63
CA ASN A 16 6.87 2.11 12.09
C ASN A 16 6.87 0.86 11.22
N THR A 17 5.70 0.46 10.75
CA THR A 17 5.54 -0.74 9.95
C THR A 17 4.67 -0.69 8.72
N LEU A 18 5.26 -1.27 7.68
CA LEU A 18 4.76 -1.49 6.34
C LEU A 18 3.68 -2.58 6.28
N SER A 19 2.56 -2.38 6.98
CA SER A 19 1.40 -3.31 6.99
C SER A 19 0.66 -3.32 5.64
N GLY A 20 0.99 -2.38 4.74
CA GLY A 20 0.44 -2.28 3.40
C GLY A 20 1.33 -3.16 2.49
N THR A 21 1.03 -3.23 1.20
CA THR A 21 1.81 -4.07 0.29
C THR A 21 1.80 -3.55 -1.12
N VAL A 22 2.97 -3.53 -1.77
CA VAL A 22 3.08 -3.15 -3.15
C VAL A 22 3.05 -4.43 -3.95
N TRP A 23 2.22 -4.30 -4.95
CA TRP A 23 1.83 -5.22 -5.98
C TRP A 23 2.24 -4.49 -7.22
N VAL A 24 2.96 -5.20 -8.07
CA VAL A 24 3.47 -4.60 -9.29
C VAL A 24 2.63 -5.05 -10.45
N GLY A 25 2.64 -4.24 -11.48
CA GLY A 25 1.83 -4.58 -12.63
C GLY A 25 0.34 -4.19 -12.46
N SER A 26 -0.22 -4.29 -11.23
CA SER A 26 -1.56 -3.97 -10.73
C SER A 26 -1.77 -4.38 -9.25
N CYS A 27 -2.85 -3.91 -8.59
CA CYS A 27 -3.21 -4.25 -7.20
C CYS A 27 -3.78 -5.69 -7.13
N ALA A 28 -3.87 -6.18 -5.90
CA ALA A 28 -4.41 -7.47 -5.52
C ALA A 28 -5.96 -7.41 -5.46
N SER A 29 -6.60 -8.44 -6.01
CA SER A 29 -8.05 -8.66 -6.18
C SER A 29 -9.01 -8.04 -5.16
N GLY A 30 -8.83 -8.31 -3.87
CA GLY A 30 -9.70 -7.83 -2.79
C GLY A 30 -9.20 -6.61 -2.03
N TRP A 31 -8.13 -5.98 -2.50
CA TRP A 31 -7.51 -4.81 -1.85
C TRP A 31 -7.95 -3.50 -2.51
N HIS A 32 -7.53 -2.34 -1.97
CA HIS A 32 -7.87 -1.04 -2.58
C HIS A 32 -6.73 -0.06 -2.33
N LYS A 33 -6.74 1.09 -3.03
CA LYS A 33 -5.75 2.16 -2.88
C LYS A 33 -5.80 2.75 -1.50
N CYS A 34 -4.70 2.56 -0.79
CA CYS A 34 -4.55 3.12 0.53
C CYS A 34 -3.90 4.52 0.44
N ASN A 35 -3.67 5.01 -0.79
CA ASN A 35 -3.05 6.30 -1.02
C ASN A 35 -3.35 6.83 -2.42
N ASP A 36 -3.10 8.13 -2.62
CA ASP A 36 -3.32 8.84 -3.90
C ASP A 36 -2.30 8.50 -4.99
N GLU A 37 -1.08 8.23 -4.57
CA GLU A 37 0.05 7.82 -5.40
C GLU A 37 0.17 6.26 -5.31
N TYR A 38 1.17 5.63 -5.91
CA TYR A 38 1.28 4.17 -5.87
C TYR A 38 2.74 3.73 -5.78
N ASN A 39 3.49 4.02 -6.86
CA ASN A 39 4.88 3.66 -7.04
C ASN A 39 5.49 4.05 -8.40
N ILE A 40 6.78 3.74 -8.48
CA ILE A 40 7.72 3.87 -9.58
C ILE A 40 7.22 3.30 -10.91
N ALA A 41 6.56 2.17 -10.75
CA ALA A 41 5.98 1.28 -11.73
C ALA A 41 4.71 0.60 -11.21
N TYR A 42 4.89 0.10 -9.99
CA TYR A 42 4.00 -0.65 -9.12
C TYR A 42 2.87 0.18 -8.49
N GLU A 43 2.23 -0.46 -7.51
CA GLU A 43 1.16 0.16 -6.74
C GLU A 43 1.02 -0.35 -5.31
N CYS A 44 0.85 0.58 -4.39
CA CYS A 44 0.63 0.29 -2.99
C CYS A 44 -0.87 0.13 -2.73
N CYS A 45 -1.23 -0.86 -1.91
CA CYS A 45 -2.58 -1.18 -1.45
C CYS A 45 -2.48 -1.70 -0.02
N LYS A 46 -3.64 -1.81 0.61
CA LYS A 46 -3.80 -2.31 1.99
C LYS A 46 -4.96 -3.30 2.12
N GLN A 47 -5.00 -4.01 3.24
CA GLN A 47 -6.00 -4.99 3.68
C GLN A 47 -5.88 -5.35 5.17
N GLY A 1 5.70 -10.77 -2.35
CA GLY A 1 5.17 -9.39 -2.37
C GLY A 1 6.16 -8.47 -1.71
N VAL A 2 6.03 -7.16 -1.92
CA VAL A 2 6.97 -6.20 -1.32
C VAL A 2 6.21 -5.36 -0.30
N CYS A 4 4.87 -2.23 1.31
CA CYS A 4 4.63 -0.85 0.89
C CYS A 4 3.47 -0.16 1.60
N ARG A 5 3.75 1.03 2.16
CA ARG A 5 2.80 1.81 2.94
C ARG A 5 1.79 2.62 2.11
N CYS A 6 0.89 3.27 2.85
CA CYS A 6 -0.24 4.07 2.39
C CYS A 6 -0.12 5.55 2.86
N ASP A 7 -1.02 6.44 2.40
CA ASP A 7 -1.03 7.90 2.74
C ASP A 7 -0.92 8.11 4.27
N SER A 8 -1.89 7.51 4.94
CA SER A 8 -2.04 7.48 6.38
C SER A 8 -1.51 6.15 6.94
N ASP A 9 -0.26 5.78 6.65
CA ASP A 9 0.34 4.55 7.16
C ASP A 9 0.14 4.35 8.68
N GLY A 10 0.28 5.43 9.44
CA GLY A 10 0.07 5.47 10.88
C GLY A 10 1.10 6.21 11.72
N PRO A 11 1.22 7.52 11.47
CA PRO A 11 2.14 8.38 12.20
C PRO A 11 1.88 8.55 13.71
N SER A 12 0.67 8.22 14.20
CA SER A 12 0.25 8.35 15.60
C SER A 12 -0.40 7.11 16.19
N VAL A 13 0.11 5.97 15.75
CA VAL A 13 -0.41 4.67 16.15
C VAL A 13 0.64 3.55 16.20
N HIS A 14 0.30 2.44 16.86
CA HIS A 14 1.11 1.23 17.00
C HIS A 14 1.15 0.38 15.71
N GLY A 15 1.76 0.95 14.68
CA GLY A 15 1.86 0.32 13.37
C GLY A 15 2.81 0.99 12.38
N ASN A 16 4.07 1.15 12.79
CA ASN A 16 5.13 1.74 11.94
C ASN A 16 5.56 0.88 10.74
N THR A 17 5.00 -0.33 10.66
CA THR A 17 5.27 -1.36 9.67
C THR A 17 4.34 -1.45 8.49
N LEU A 18 4.98 -1.84 7.40
CA LEU A 18 4.46 -2.02 6.06
C LEU A 18 3.42 -3.14 5.89
N SER A 19 2.25 -2.96 6.50
CA SER A 19 1.10 -3.89 6.41
C SER A 19 0.56 -3.92 4.97
N GLY A 20 0.69 -2.79 4.27
CA GLY A 20 0.28 -2.66 2.87
C GLY A 20 1.31 -3.41 2.00
N THR A 21 1.00 -3.63 0.74
CA THR A 21 1.86 -4.37 -0.17
C THR A 21 1.76 -3.82 -1.57
N VAL A 22 2.88 -3.82 -2.28
CA VAL A 22 2.93 -3.38 -3.65
C VAL A 22 2.80 -4.58 -4.56
N TRP A 23 2.08 -4.31 -5.61
CA TRP A 23 1.66 -5.18 -6.68
C TRP A 23 2.08 -4.51 -7.96
N VAL A 24 3.16 -5.07 -8.42
CA VAL A 24 3.86 -4.65 -9.59
C VAL A 24 3.06 -5.13 -10.79
N GLY A 25 2.88 -4.22 -11.73
CA GLY A 25 2.12 -4.55 -12.93
C GLY A 25 0.60 -4.29 -12.77
N SER A 26 0.15 -4.00 -11.52
CA SER A 26 -1.16 -3.63 -10.93
C SER A 26 -1.58 -4.46 -9.69
N CYS A 27 -2.55 -3.96 -8.90
CA CYS A 27 -3.14 -4.52 -7.65
C CYS A 27 -3.66 -5.97 -7.66
N ALA A 28 -3.63 -6.54 -6.46
CA ALA A 28 -4.10 -7.85 -6.12
C ALA A 28 -5.64 -7.88 -6.13
N SER A 29 -6.20 -8.88 -6.80
CA SER A 29 -7.61 -9.23 -7.09
C SER A 29 -8.70 -9.06 -6.02
N GLY A 30 -8.37 -8.68 -4.78
CA GLY A 30 -9.31 -8.44 -3.67
C GLY A 30 -8.94 -7.27 -2.75
N TRP A 31 -7.87 -6.54 -3.08
CA TRP A 31 -7.40 -5.36 -2.34
C TRP A 31 -7.86 -4.05 -2.99
N HIS A 32 -7.47 -2.90 -2.41
CA HIS A 32 -7.81 -1.60 -2.99
C HIS A 32 -6.71 -0.58 -2.65
N LYS A 33 -6.65 0.49 -3.43
CA LYS A 33 -5.73 1.60 -3.26
C LYS A 33 -5.89 2.27 -1.92
N CYS A 34 -4.77 2.33 -1.19
CA CYS A 34 -4.71 3.00 0.07
C CYS A 34 -4.15 4.43 -0.08
N ASN A 35 -3.93 4.91 -1.33
CA ASN A 35 -3.47 6.26 -1.55
C ASN A 35 -3.84 6.72 -2.98
N ASP A 36 -3.63 8.00 -3.28
CA ASP A 36 -3.98 8.56 -4.60
C ASP A 36 -3.06 8.06 -5.70
N GLU A 37 -1.77 8.15 -5.40
CA GLU A 37 -0.61 7.71 -6.18
C GLU A 37 -0.33 6.22 -5.90
N TYR A 38 0.70 5.60 -6.46
CA TYR A 38 0.96 4.17 -6.27
C TYR A 38 2.45 3.86 -6.13
N ASN A 39 3.19 4.03 -7.24
CA ASN A 39 4.61 3.72 -7.34
C ASN A 39 5.24 4.08 -8.70
N ILE A 40 6.56 3.90 -8.72
CA ILE A 40 7.54 4.03 -9.79
C ILE A 40 7.17 3.39 -11.13
N ALA A 41 6.54 2.23 -10.95
CA ALA A 41 6.08 1.28 -11.93
C ALA A 41 4.80 0.56 -11.50
N TYR A 42 4.87 0.14 -10.24
CA TYR A 42 3.95 -0.62 -9.43
C TYR A 42 2.79 0.17 -8.82
N GLU A 43 2.11 -0.52 -7.89
CA GLU A 43 1.00 0.04 -7.12
C GLU A 43 0.90 -0.52 -5.70
N CYS A 44 0.86 0.38 -4.74
CA CYS A 44 0.70 0.04 -3.33
C CYS A 44 -0.79 0.00 -2.97
N CYS A 45 -1.22 -1.16 -2.47
CA CYS A 45 -2.59 -1.41 -2.01
C CYS A 45 -2.50 -1.98 -0.61
N LYS A 46 -3.65 -2.08 0.03
CA LYS A 46 -3.78 -2.61 1.40
C LYS A 46 -4.93 -3.62 1.51
N GLN A 47 -4.98 -4.31 2.62
CA GLN A 47 -6.01 -5.28 3.02
C GLN A 47 -6.12 -5.37 4.54
N GLY A 1 4.47 -10.46 -1.89
CA GLY A 1 4.46 -9.02 -2.20
C GLY A 1 5.64 -8.36 -1.55
N VAL A 2 5.72 -7.05 -1.70
CA VAL A 2 6.78 -6.22 -1.11
C VAL A 2 6.16 -5.32 -0.05
N CYS A 4 4.95 -2.17 1.44
CA CYS A 4 4.67 -0.82 0.98
C CYS A 4 3.39 -0.21 1.52
N ARG A 5 3.62 0.75 2.39
CA ARG A 5 2.73 1.63 3.12
C ARG A 5 1.74 2.41 2.28
N CYS A 6 0.87 3.08 3.01
CA CYS A 6 -0.13 3.97 2.47
C CYS A 6 0.45 5.40 2.59
N ASP A 7 -0.34 6.42 2.26
CA ASP A 7 0.10 7.83 2.39
C ASP A 7 0.13 8.17 3.89
N SER A 8 -1.02 7.95 4.52
CA SER A 8 -1.29 8.13 5.94
C SER A 8 -0.75 6.97 6.81
N ASP A 9 0.37 6.32 6.46
CA ASP A 9 0.97 5.18 7.21
C ASP A 9 1.26 5.42 8.70
N GLY A 10 1.14 6.67 9.13
CA GLY A 10 1.32 7.10 10.50
C GLY A 10 0.05 7.03 11.32
N PRO A 11 -0.72 8.13 11.33
CA PRO A 11 -2.00 8.26 12.04
C PRO A 11 -3.05 7.20 11.72
N SER A 12 -2.81 6.33 10.72
CA SER A 12 -3.72 5.22 10.36
C SER A 12 -3.40 3.91 11.06
N VAL A 13 -2.29 3.82 11.79
CA VAL A 13 -1.83 2.60 12.45
C VAL A 13 -0.91 2.90 13.64
N HIS A 14 -0.36 1.87 14.29
CA HIS A 14 0.59 2.04 15.40
C HIS A 14 1.96 2.55 14.95
N GLY A 15 2.20 2.55 13.63
CA GLY A 15 3.42 3.07 13.02
C GLY A 15 4.71 2.35 13.40
N ASN A 16 4.88 1.11 12.93
CA ASN A 16 6.08 0.29 13.13
C ASN A 16 6.50 -0.34 11.80
N THR A 17 5.56 -1.05 11.17
CA THR A 17 5.80 -1.77 9.91
C THR A 17 4.66 -1.70 8.92
N LEU A 18 5.10 -1.81 7.68
CA LEU A 18 4.42 -1.78 6.41
C LEU A 18 3.25 -2.76 6.29
N SER A 19 2.07 -2.40 6.82
CA SER A 19 0.85 -3.22 6.73
C SER A 19 0.35 -3.28 5.27
N GLY A 20 0.72 -2.27 4.48
CA GLY A 20 0.41 -2.17 3.06
C GLY A 20 1.42 -3.01 2.28
N THR A 21 1.09 -3.31 1.03
CA THR A 21 1.93 -4.15 0.18
C THR A 21 1.86 -3.67 -1.25
N VAL A 22 2.99 -3.73 -1.97
CA VAL A 22 3.09 -3.38 -3.35
C VAL A 22 3.06 -4.66 -4.17
N TRP A 23 2.31 -4.48 -5.23
CA TRP A 23 1.91 -5.39 -6.27
C TRP A 23 2.23 -4.60 -7.50
N VAL A 24 3.19 -5.11 -8.22
CA VAL A 24 3.63 -4.41 -9.41
C VAL A 24 2.67 -4.68 -10.52
N GLY A 25 2.70 -3.82 -11.53
CA GLY A 25 1.77 -3.97 -12.61
C GLY A 25 0.42 -3.37 -12.12
N SER A 26 -0.23 -4.01 -11.12
CA SER A 26 -1.47 -3.61 -10.46
C SER A 26 -1.79 -4.42 -9.18
N CYS A 27 -2.72 -3.90 -8.36
CA CYS A 27 -3.20 -4.40 -7.07
C CYS A 27 -3.83 -5.80 -7.05
N ALA A 28 -3.74 -6.41 -5.88
CA ALA A 28 -4.29 -7.72 -5.54
C ALA A 28 -5.83 -7.64 -5.53
N SER A 29 -6.50 -8.63 -6.14
CA SER A 29 -7.96 -8.78 -6.33
C SER A 29 -8.91 -8.37 -5.20
N GLY A 30 -8.50 -8.49 -3.94
CA GLY A 30 -9.31 -8.18 -2.76
C GLY A 30 -8.91 -6.92 -1.97
N TRP A 31 -7.93 -6.16 -2.46
CA TRP A 31 -7.41 -4.97 -1.79
C TRP A 31 -7.87 -3.68 -2.48
N HIS A 32 -7.50 -2.51 -1.93
CA HIS A 32 -7.85 -1.20 -2.54
C HIS A 32 -6.75 -0.19 -2.28
N LYS A 33 -6.80 0.94 -2.98
CA LYS A 33 -5.87 2.06 -2.83
C LYS A 33 -6.02 2.72 -1.48
N CYS A 34 -4.96 2.60 -0.70
CA CYS A 34 -4.88 3.22 0.60
C CYS A 34 -4.34 4.66 0.42
N ASN A 35 -4.08 5.09 -0.83
CA ASN A 35 -3.51 6.40 -1.12
C ASN A 35 -3.78 6.87 -2.57
N ASP A 36 -3.45 8.14 -2.85
CA ASP A 36 -3.62 8.81 -4.15
C ASP A 36 -2.61 8.33 -5.20
N GLU A 37 -1.37 8.18 -4.76
CA GLU A 37 -0.22 7.69 -5.52
C GLU A 37 -0.15 6.16 -5.42
N TYR A 38 0.86 5.53 -6.03
CA TYR A 38 1.04 4.08 -5.97
C TYR A 38 2.53 3.76 -5.89
N ASN A 39 3.25 4.03 -6.99
CA ASN A 39 4.67 3.75 -7.16
C ASN A 39 5.25 4.16 -8.53
N ILE A 40 6.56 3.97 -8.61
CA ILE A 40 7.50 4.16 -9.71
C ILE A 40 7.07 3.51 -11.03
N ALA A 41 6.50 2.34 -10.85
CA ALA A 41 6.00 1.37 -11.81
C ALA A 41 4.77 0.63 -11.29
N TYR A 42 4.92 0.21 -10.05
CA TYR A 42 4.04 -0.56 -9.22
C TYR A 42 2.86 0.19 -8.62
N GLU A 43 2.23 -0.48 -7.66
CA GLU A 43 1.11 0.06 -6.91
C GLU A 43 1.00 -0.51 -5.50
N CYS A 44 0.94 0.40 -4.54
CA CYS A 44 0.77 0.07 -3.15
C CYS A 44 -0.74 0.05 -2.83
N CYS A 45 -1.15 -0.93 -2.04
CA CYS A 45 -2.52 -1.15 -1.54
C CYS A 45 -2.40 -1.66 -0.10
N LYS A 46 -3.55 -1.72 0.55
CA LYS A 46 -3.69 -2.22 1.91
C LYS A 46 -4.87 -3.18 2.04
N GLN A 47 -4.97 -3.88 3.16
CA GLN A 47 -6.03 -4.80 3.53
C GLN A 47 -6.30 -4.78 5.05
N GLY A 1 3.69 -9.98 -0.72
CA GLY A 1 3.98 -8.75 -1.49
C GLY A 1 5.20 -8.05 -0.95
N VAL A 2 5.47 -6.86 -1.47
CA VAL A 2 6.64 -6.05 -1.10
C VAL A 2 6.25 -4.96 -0.09
N CYS A 4 5.49 -1.51 1.27
CA CYS A 4 5.27 -0.17 0.73
C CYS A 4 4.18 0.64 1.44
N ARG A 5 4.47 1.89 1.80
CA ARG A 5 3.59 2.82 2.50
C ARG A 5 2.35 3.31 1.74
N CYS A 6 1.60 4.09 2.50
CA CYS A 6 0.37 4.81 2.19
C CYS A 6 0.57 6.31 2.47
N ASP A 7 -0.35 7.16 1.95
CA ASP A 7 -0.34 8.64 2.02
C ASP A 7 -0.10 9.17 3.45
N SER A 8 -0.83 8.59 4.39
CA SER A 8 -0.84 8.93 5.81
C SER A 8 0.32 8.39 6.65
N ASP A 9 1.01 7.37 6.12
CA ASP A 9 2.13 6.57 6.65
C ASP A 9 2.13 6.45 8.18
N GLY A 10 0.95 6.12 8.72
CA GLY A 10 0.70 6.00 10.15
C GLY A 10 -0.77 5.82 10.48
N PRO A 11 -1.29 4.62 10.15
CA PRO A 11 -2.68 4.25 10.36
C PRO A 11 -3.20 4.24 11.82
N SER A 12 -2.34 4.43 12.82
CA SER A 12 -2.64 4.53 14.28
C SER A 12 -3.04 3.23 14.97
N VAL A 13 -2.46 2.17 14.47
CA VAL A 13 -2.70 0.79 14.88
C VAL A 13 -1.41 -0.03 15.02
N HIS A 14 -1.57 -1.36 15.05
CA HIS A 14 -0.53 -2.35 15.18
C HIS A 14 0.47 -2.37 13.99
N GLY A 15 1.51 -1.53 14.11
CA GLY A 15 2.62 -1.40 13.16
C GLY A 15 2.53 -0.20 12.22
N ASN A 16 3.16 0.94 12.57
CA ASN A 16 3.15 2.18 11.74
C ASN A 16 3.91 2.08 10.41
N THR A 17 4.89 1.19 10.39
CA THR A 17 5.79 0.77 9.30
C THR A 17 5.05 0.29 8.05
N LEU A 18 5.80 -0.26 7.09
CA LEU A 18 5.39 -0.80 5.81
C LEU A 18 4.40 -2.00 5.86
N SER A 19 3.28 -1.83 6.59
CA SER A 19 2.17 -2.76 6.76
C SER A 19 1.40 -2.79 5.42
N GLY A 20 1.52 -1.70 4.64
CA GLY A 20 0.95 -1.51 3.32
C GLY A 20 1.79 -2.40 2.40
N THR A 21 1.36 -2.66 1.17
CA THR A 21 2.11 -3.55 0.31
C THR A 21 1.99 -3.22 -1.16
N VAL A 22 3.08 -3.40 -1.89
CA VAL A 22 3.17 -3.22 -3.31
C VAL A 22 3.07 -4.59 -3.97
N TRP A 23 2.26 -4.51 -4.98
CA TRP A 23 1.78 -5.45 -5.94
C TRP A 23 2.10 -4.78 -7.25
N VAL A 24 2.69 -5.53 -8.15
CA VAL A 24 3.08 -4.96 -9.41
C VAL A 24 2.13 -5.38 -10.49
N GLY A 25 2.10 -4.58 -11.53
CA GLY A 25 1.20 -4.87 -12.63
C GLY A 25 -0.25 -4.40 -12.30
N SER A 26 -0.73 -4.64 -11.06
CA SER A 26 -2.02 -4.25 -10.46
C SER A 26 -2.06 -4.65 -8.97
N CYS A 27 -3.03 -4.14 -8.20
CA CYS A 27 -3.29 -4.40 -6.76
C CYS A 27 -3.90 -5.79 -6.51
N ALA A 28 -3.76 -6.24 -5.26
CA ALA A 28 -4.26 -7.47 -4.70
C ALA A 28 -5.81 -7.41 -4.56
N SER A 29 -6.47 -8.49 -4.97
CA SER A 29 -7.93 -8.74 -5.01
C SER A 29 -8.84 -7.95 -4.06
N GLY A 30 -8.64 -8.12 -2.76
CA GLY A 30 -9.44 -7.52 -1.70
C GLY A 30 -8.87 -6.25 -1.07
N TRP A 31 -7.84 -5.67 -1.66
CA TRP A 31 -7.17 -4.45 -1.15
C TRP A 31 -7.57 -3.22 -1.97
N HIS A 32 -7.14 -2.02 -1.54
CA HIS A 32 -7.44 -0.78 -2.27
C HIS A 32 -6.38 0.30 -2.03
N LYS A 33 -6.40 1.34 -2.87
CA LYS A 33 -5.52 2.51 -2.85
C LYS A 33 -5.57 3.31 -1.56
N CYS A 34 -4.51 3.17 -0.79
CA CYS A 34 -4.32 3.89 0.45
C CYS A 34 -3.69 5.26 0.20
N ASN A 35 -3.49 5.64 -1.06
CA ASN A 35 -2.85 6.88 -1.50
C ASN A 35 -3.33 7.28 -2.90
N ASP A 36 -2.88 8.44 -3.39
CA ASP A 36 -3.20 8.96 -4.73
C ASP A 36 -2.32 8.30 -5.81
N GLU A 37 -1.01 8.32 -5.59
CA GLU A 37 0.01 7.71 -6.42
C GLU A 37 0.08 6.21 -6.13
N TYR A 38 1.05 5.48 -6.70
CA TYR A 38 1.22 4.06 -6.44
C TYR A 38 2.70 3.72 -6.38
N ASN A 39 3.37 3.77 -7.54
CA ASN A 39 4.76 3.44 -7.73
C ASN A 39 5.27 3.65 -9.17
N ILE A 40 6.57 3.42 -9.31
CA ILE A 40 7.43 3.44 -10.48
C ILE A 40 6.88 2.73 -11.72
N ALA A 41 6.20 1.63 -11.41
CA ALA A 41 5.59 0.68 -12.30
C ALA A 41 4.35 0.01 -11.68
N TYR A 42 4.56 -0.33 -10.41
CA TYR A 42 3.72 -0.99 -9.44
C TYR A 42 2.63 -0.14 -8.80
N GLU A 43 2.05 -0.71 -7.74
CA GLU A 43 1.03 -0.05 -6.93
C GLU A 43 1.02 -0.50 -5.46
N CYS A 44 0.99 0.49 -4.60
CA CYS A 44 0.93 0.30 -3.15
C CYS A 44 -0.54 0.37 -2.71
N CYS A 45 -0.98 -0.61 -1.94
CA CYS A 45 -2.31 -0.75 -1.35
C CYS A 45 -2.17 -1.16 0.11
N LYS A 46 -3.30 -1.22 0.82
CA LYS A 46 -3.37 -1.64 2.22
C LYS A 46 -4.52 -2.62 2.51
N GLN A 47 -4.53 -3.20 3.70
CA GLN A 47 -5.56 -4.11 4.22
C GLN A 47 -5.69 -4.11 5.75
N GLY A 1 4.14 -10.41 -1.68
CA GLY A 1 4.25 -9.03 -2.20
C GLY A 1 5.45 -8.36 -1.60
N VAL A 2 5.68 -7.11 -1.98
CA VAL A 2 6.83 -6.33 -1.51
C VAL A 2 6.42 -5.34 -0.43
N CYS A 4 5.58 -2.07 1.15
CA CYS A 4 5.28 -0.73 0.70
C CYS A 4 4.24 -0.04 1.55
N ARG A 5 4.52 1.19 1.98
CA ARG A 5 3.60 1.93 2.85
C ARG A 5 2.69 2.93 2.16
N CYS A 6 1.62 3.17 2.90
CA CYS A 6 0.54 4.10 2.64
C CYS A 6 1.01 5.50 3.11
N ASP A 7 0.46 6.60 2.57
CA ASP A 7 0.90 7.98 2.95
C ASP A 7 0.76 8.27 4.46
N SER A 8 -0.10 7.50 5.13
CA SER A 8 -0.42 7.51 6.56
C SER A 8 0.15 6.32 7.37
N ASP A 9 0.69 5.29 6.71
CA ASP A 9 1.27 3.98 7.10
C ASP A 9 0.60 3.15 8.21
N GLY A 10 -0.52 3.66 8.72
CA GLY A 10 -1.34 3.09 9.76
C GLY A 10 -2.65 3.84 9.94
N PRO A 11 -3.51 3.76 8.91
CA PRO A 11 -4.80 4.42 8.87
C PRO A 11 -5.79 4.07 10.00
N SER A 12 -5.56 2.99 10.75
CA SER A 12 -6.39 2.60 11.90
C SER A 12 -5.67 2.64 13.22
N VAL A 13 -4.33 2.60 13.19
CA VAL A 13 -3.48 2.57 14.37
C VAL A 13 -2.04 2.91 14.01
N HIS A 14 -1.34 3.56 14.93
CA HIS A 14 0.07 3.95 14.81
C HIS A 14 1.01 2.74 14.57
N GLY A 15 1.61 2.63 13.38
CA GLY A 15 2.48 1.52 12.99
C GLY A 15 3.45 1.88 11.87
N ASN A 16 4.43 2.73 12.17
CA ASN A 16 5.53 3.35 11.39
C ASN A 16 6.45 2.50 10.48
N THR A 17 5.92 1.39 9.99
CA THR A 17 6.56 0.37 9.15
C THR A 17 5.75 -0.01 7.93
N LEU A 18 6.34 -0.85 7.08
CA LEU A 18 5.74 -1.36 5.86
C LEU A 18 4.65 -2.41 6.15
N SER A 19 3.50 -1.90 6.59
CA SER A 19 2.23 -2.55 6.93
C SER A 19 1.38 -2.82 5.67
N GLY A 20 1.71 -2.15 4.56
CA GLY A 20 1.10 -2.28 3.24
C GLY A 20 1.97 -3.10 2.31
N THR A 21 1.48 -3.33 1.10
CA THR A 21 2.15 -4.17 0.11
C THR A 21 2.02 -3.62 -1.30
N VAL A 22 3.10 -3.67 -2.08
CA VAL A 22 3.12 -3.27 -3.47
C VAL A 22 2.98 -4.54 -4.27
N TRP A 23 2.12 -4.35 -5.24
CA TRP A 23 1.65 -5.24 -6.26
C TRP A 23 1.98 -4.52 -7.52
N VAL A 24 2.64 -5.23 -8.42
CA VAL A 24 3.06 -4.61 -9.63
C VAL A 24 2.11 -4.98 -10.74
N GLY A 25 2.11 -4.15 -11.76
CA GLY A 25 1.19 -4.38 -12.87
C GLY A 25 -0.26 -3.94 -12.57
N SER A 26 -0.75 -4.13 -11.32
CA SER A 26 -2.06 -3.75 -10.74
C SER A 26 -2.17 -4.24 -9.27
N CYS A 27 -3.17 -3.78 -8.52
CA CYS A 27 -3.48 -4.17 -7.13
C CYS A 27 -4.14 -5.54 -7.01
N ALA A 28 -3.98 -6.10 -5.82
CA ALA A 28 -4.52 -7.37 -5.37
C ALA A 28 -6.06 -7.28 -5.24
N SER A 29 -6.74 -8.28 -5.79
CA SER A 29 -8.20 -8.47 -5.90
C SER A 29 -9.10 -7.85 -4.82
N GLY A 30 -8.79 -8.08 -3.54
CA GLY A 30 -9.57 -7.60 -2.40
C GLY A 30 -9.03 -6.38 -1.66
N TRP A 31 -7.97 -5.76 -2.17
CA TRP A 31 -7.30 -4.61 -1.54
C TRP A 31 -7.70 -3.28 -2.22
N HIS A 32 -7.25 -2.14 -1.68
CA HIS A 32 -7.58 -0.81 -2.24
C HIS A 32 -6.48 0.20 -1.96
N LYS A 33 -6.55 1.35 -2.63
CA LYS A 33 -5.57 2.44 -2.57
C LYS A 33 -5.50 3.10 -1.22
N CYS A 34 -4.36 2.93 -0.58
CA CYS A 34 -4.08 3.54 0.70
C CYS A 34 -3.31 4.87 0.51
N ASN A 35 -3.12 5.32 -0.74
CA ASN A 35 -2.40 6.57 -1.05
C ASN A 35 -2.87 7.21 -2.38
N ASP A 36 -2.40 8.44 -2.64
CA ASP A 36 -2.67 9.22 -3.87
C ASP A 36 -1.90 8.64 -5.06
N GLU A 37 -0.61 8.46 -4.85
CA GLU A 37 0.33 7.87 -5.78
C GLU A 37 0.28 6.34 -5.63
N TYR A 38 1.18 5.58 -6.24
CA TYR A 38 1.22 4.13 -6.11
C TYR A 38 2.67 3.66 -6.12
N ASN A 39 3.35 3.90 -7.25
CA ASN A 39 4.74 3.54 -7.47
C ASN A 39 5.31 3.94 -8.83
N ILE A 40 6.61 3.67 -8.93
CA ILE A 40 7.53 3.81 -10.05
C ILE A 40 7.01 3.21 -11.37
N ALA A 41 6.37 2.07 -11.17
CA ALA A 41 5.79 1.16 -12.13
C ALA A 41 4.50 0.53 -11.61
N TYR A 42 4.64 0.04 -10.38
CA TYR A 42 3.75 -0.68 -9.49
C TYR A 42 2.66 0.14 -8.81
N GLU A 43 2.06 -0.48 -7.81
CA GLU A 43 1.04 0.13 -6.97
C GLU A 43 0.96 -0.38 -5.53
N CYS A 44 0.93 0.57 -4.61
CA CYS A 44 0.82 0.32 -3.19
C CYS A 44 -0.67 0.20 -2.81
N CYS A 45 -1.00 -0.79 -1.97
CA CYS A 45 -2.34 -1.07 -1.42
C CYS A 45 -2.15 -1.63 -0.02
N LYS A 46 -3.26 -1.72 0.69
CA LYS A 46 -3.32 -2.21 2.07
C LYS A 46 -4.47 -3.18 2.31
N GLN A 47 -4.44 -3.84 3.44
CA GLN A 47 -5.41 -4.80 3.99
C GLN A 47 -5.18 -5.03 5.48
N GLY A 1 4.64 -10.61 -2.18
CA GLY A 1 4.46 -9.15 -2.30
C GLY A 1 5.71 -8.45 -1.85
N VAL A 2 5.68 -7.11 -1.82
CA VAL A 2 6.82 -6.30 -1.35
C VAL A 2 6.34 -5.29 -0.31
N CYS A 4 5.50 -1.93 1.19
CA CYS A 4 5.23 -0.60 0.67
C CYS A 4 4.20 0.16 1.49
N ARG A 5 4.48 1.43 1.85
CA ARG A 5 3.56 2.21 2.69
C ARG A 5 2.61 3.19 2.01
N CYS A 6 1.58 3.47 2.79
CA CYS A 6 0.42 4.31 2.53
C CYS A 6 0.68 5.80 2.83
N ASP A 7 -0.23 6.69 2.43
CA ASP A 7 -0.13 8.16 2.58
C ASP A 7 -0.01 8.70 4.01
N SER A 8 -0.40 7.84 4.94
CA SER A 8 -0.51 7.93 6.39
C SER A 8 0.30 6.87 7.15
N ASP A 9 0.68 5.80 6.46
CA ASP A 9 1.40 4.59 6.89
C ASP A 9 0.90 3.94 8.20
N GLY A 10 -0.32 4.30 8.58
CA GLY A 10 -1.12 3.85 9.72
C GLY A 10 -2.47 4.51 9.75
N PRO A 11 -3.30 4.18 8.74
CA PRO A 11 -4.67 4.66 8.60
C PRO A 11 -5.67 4.23 9.69
N SER A 12 -5.28 3.40 10.66
CA SER A 12 -6.18 2.91 11.71
C SER A 12 -5.60 2.96 13.10
N VAL A 13 -4.30 2.77 13.22
CA VAL A 13 -3.53 2.71 14.46
C VAL A 13 -2.08 3.12 14.24
N HIS A 14 -1.27 2.92 15.27
CA HIS A 14 0.16 3.17 15.31
C HIS A 14 0.90 2.52 14.12
N GLY A 15 1.48 3.35 13.26
CA GLY A 15 2.23 2.97 12.08
C GLY A 15 3.63 3.56 12.07
N ASN A 16 4.64 2.71 11.92
CA ASN A 16 6.08 3.03 11.93
C ASN A 16 6.87 2.31 10.82
N THR A 17 6.39 1.17 10.33
CA THR A 17 6.99 0.33 9.27
C THR A 17 5.97 -0.11 8.24
N LEU A 18 6.48 -0.64 7.13
CA LEU A 18 5.79 -1.10 5.92
C LEU A 18 4.71 -2.19 6.09
N SER A 19 3.61 -1.84 6.77
CA SER A 19 2.43 -2.70 7.00
C SER A 19 1.49 -2.76 5.77
N GLY A 20 1.89 -2.15 4.66
CA GLY A 20 1.21 -2.13 3.36
C GLY A 20 2.01 -2.98 2.37
N THR A 21 1.46 -3.21 1.18
CA THR A 21 2.08 -4.05 0.18
C THR A 21 1.94 -3.55 -1.24
N VAL A 22 3.01 -3.64 -2.01
CA VAL A 22 3.03 -3.26 -3.40
C VAL A 22 2.82 -4.54 -4.19
N TRP A 23 2.02 -4.33 -5.20
CA TRP A 23 1.54 -5.25 -6.20
C TRP A 23 1.92 -4.60 -7.49
N VAL A 24 2.84 -5.28 -8.11
CA VAL A 24 3.43 -4.84 -9.34
C VAL A 24 2.50 -5.17 -10.48
N GLY A 25 2.46 -4.27 -11.46
CA GLY A 25 1.56 -4.44 -12.57
C GLY A 25 0.21 -3.79 -12.19
N SER A 26 -0.37 -4.14 -11.02
CA SER A 26 -1.62 -3.63 -10.40
C SER A 26 -1.99 -4.31 -9.06
N CYS A 27 -2.89 -3.72 -8.25
CA CYS A 27 -3.36 -4.15 -6.91
C CYS A 27 -4.05 -5.51 -6.83
N ALA A 28 -3.99 -6.08 -5.62
CA ALA A 28 -4.59 -7.33 -5.23
C ALA A 28 -6.13 -7.18 -5.14
N SER A 29 -6.82 -8.16 -5.69
CA SER A 29 -8.27 -8.36 -5.87
C SER A 29 -9.27 -7.97 -4.75
N GLY A 30 -8.82 -7.82 -3.52
CA GLY A 30 -9.65 -7.46 -2.36
C GLY A 30 -9.14 -6.24 -1.57
N TRP A 31 -8.04 -5.64 -2.02
CA TRP A 31 -7.40 -4.49 -1.39
C TRP A 31 -7.86 -3.18 -2.06
N HIS A 32 -7.37 -2.04 -1.57
CA HIS A 32 -7.70 -0.72 -2.17
C HIS A 32 -6.53 0.24 -1.99
N LYS A 33 -6.55 1.35 -2.73
CA LYS A 33 -5.54 2.42 -2.66
C LYS A 33 -5.50 3.06 -1.31
N CYS A 34 -4.37 2.88 -0.63
CA CYS A 34 -4.14 3.50 0.65
C CYS A 34 -3.42 4.84 0.48
N ASN A 35 -3.32 5.34 -0.77
CA ASN A 35 -2.61 6.58 -1.07
C ASN A 35 -2.99 7.12 -2.46
N ASP A 36 -2.55 8.34 -2.74
CA ASP A 36 -2.76 9.07 -4.00
C ASP A 36 -1.96 8.44 -5.15
N GLU A 37 -0.65 8.31 -4.90
CA GLU A 37 0.38 7.71 -5.73
C GLU A 37 0.34 6.18 -5.61
N TYR A 38 1.25 5.46 -6.26
CA TYR A 38 1.34 4.01 -6.17
C TYR A 38 2.80 3.57 -6.20
N ASN A 39 3.46 3.80 -7.35
CA ASN A 39 4.85 3.42 -7.59
C ASN A 39 5.39 3.76 -8.98
N ILE A 40 6.68 3.49 -9.11
CA ILE A 40 7.58 3.59 -10.25
C ILE A 40 7.05 2.92 -11.53
N ALA A 41 6.38 1.82 -11.28
CA ALA A 41 5.78 0.87 -12.19
C ALA A 41 4.50 0.27 -11.62
N TYR A 42 4.68 -0.18 -10.37
CA TYR A 42 3.78 -0.87 -9.47
C TYR A 42 2.69 -0.02 -8.82
N GLU A 43 2.06 -0.62 -7.80
CA GLU A 43 1.02 0.02 -7.01
C GLU A 43 0.97 -0.42 -5.55
N CYS A 44 0.93 0.58 -4.68
CA CYS A 44 0.82 0.38 -3.24
C CYS A 44 -0.67 0.27 -2.84
N CYS A 45 -0.99 -0.66 -1.95
CA CYS A 45 -2.32 -0.90 -1.38
C CYS A 45 -2.16 -1.44 0.03
N LYS A 46 -3.30 -1.51 0.72
CA LYS A 46 -3.43 -2.03 2.08
C LYS A 46 -4.67 -2.91 2.26
N GLN A 47 -4.79 -3.52 3.43
CA GLN A 47 -5.89 -4.37 3.92
C GLN A 47 -5.94 -4.32 5.45
N GLY A 1 4.08 -10.44 -1.44
CA GLY A 1 4.17 -9.04 -1.87
C GLY A 1 5.35 -8.34 -1.25
N VAL A 2 5.53 -7.06 -1.58
CA VAL A 2 6.65 -6.26 -1.08
C VAL A 2 6.16 -5.31 0.00
N CYS A 4 5.18 -2.06 1.58
CA CYS A 4 4.92 -0.69 1.16
C CYS A 4 3.69 -0.03 1.78
N ARG A 5 3.94 0.97 2.63
CA ARG A 5 2.93 1.73 3.36
C ARG A 5 2.13 2.70 2.49
N CYS A 6 1.17 3.31 3.17
CA CYS A 6 0.26 4.33 2.66
C CYS A 6 0.86 5.74 2.90
N ASP A 7 0.22 6.81 2.40
CA ASP A 7 0.68 8.22 2.49
C ASP A 7 1.02 8.72 3.91
N SER A 8 0.12 8.46 4.87
CA SER A 8 0.29 8.87 6.27
C SER A 8 0.80 7.73 7.17
N ASP A 9 0.49 6.48 6.80
CA ASP A 9 0.78 5.18 7.45
C ASP A 9 0.24 4.98 8.87
N GLY A 10 0.01 6.08 9.57
CA GLY A 10 -0.50 6.16 10.91
C GLY A 10 -1.86 5.56 11.17
N PRO A 11 -2.90 6.23 10.67
CA PRO A 11 -4.28 5.79 10.75
C PRO A 11 -4.54 4.40 10.11
N SER A 12 -3.54 3.78 9.50
CA SER A 12 -3.68 2.50 8.80
C SER A 12 -3.34 1.30 9.65
N VAL A 13 -2.55 1.51 10.72
CA VAL A 13 -2.07 0.45 11.60
C VAL A 13 -1.31 1.02 12.81
N HIS A 14 -1.30 0.29 13.92
CA HIS A 14 -0.57 0.65 15.14
C HIS A 14 0.95 0.47 15.03
N GLY A 15 1.58 1.44 14.38
CA GLY A 15 3.03 1.54 14.16
C GLY A 15 3.43 1.67 12.68
N ASN A 16 4.47 2.47 12.39
CA ASN A 16 5.10 2.89 11.11
C ASN A 16 5.53 1.81 10.07
N THR A 17 5.12 0.61 10.37
CA THR A 17 5.33 -0.66 9.72
C THR A 17 4.69 -0.81 8.36
N LEU A 18 5.39 -1.56 7.54
CA LEU A 18 5.01 -1.92 6.20
C LEU A 18 3.98 -3.06 6.12
N SER A 19 2.86 -2.85 6.83
CA SER A 19 1.71 -3.76 6.86
C SER A 19 1.04 -3.64 5.48
N GLY A 20 1.19 -2.46 4.85
CA GLY A 20 0.70 -2.14 3.52
C GLY A 20 1.65 -2.89 2.58
N THR A 21 1.21 -3.21 1.36
CA THR A 21 2.01 -3.98 0.43
C THR A 21 1.89 -3.49 -1.00
N VAL A 22 3.01 -3.55 -1.72
CA VAL A 22 3.07 -3.21 -3.12
C VAL A 22 2.97 -4.50 -3.92
N TRP A 23 2.14 -4.31 -4.91
CA TRP A 23 1.70 -5.20 -5.95
C TRP A 23 2.11 -4.47 -7.20
N VAL A 24 2.91 -5.18 -7.95
CA VAL A 24 3.47 -4.65 -9.17
C VAL A 24 2.60 -5.03 -10.34
N GLY A 25 2.43 -4.06 -11.24
CA GLY A 25 1.62 -4.29 -12.41
C GLY A 25 0.10 -4.10 -12.19
N SER A 26 -0.38 -4.16 -10.93
CA SER A 26 -1.76 -3.97 -10.41
C SER A 26 -1.90 -4.45 -8.96
N CYS A 27 -2.86 -3.87 -8.23
CA CYS A 27 -3.23 -4.20 -6.84
C CYS A 27 -3.83 -5.61 -6.72
N ALA A 28 -3.69 -6.15 -5.51
CA ALA A 28 -4.23 -7.44 -5.12
C ALA A 28 -5.77 -7.36 -5.10
N SER A 29 -6.40 -8.36 -5.70
CA SER A 29 -7.84 -8.61 -5.91
C SER A 29 -8.87 -8.19 -4.85
N GLY A 30 -8.49 -8.15 -3.57
CA GLY A 30 -9.35 -7.80 -2.44
C GLY A 30 -8.89 -6.59 -1.63
N TRP A 31 -7.81 -5.95 -2.05
CA TRP A 31 -7.23 -4.76 -1.42
C TRP A 31 -7.65 -3.50 -2.17
N HIS A 32 -7.24 -2.33 -1.68
CA HIS A 32 -7.53 -1.06 -2.35
C HIS A 32 -6.41 -0.07 -2.05
N LYS A 33 -6.36 1.00 -2.84
CA LYS A 33 -5.42 2.10 -2.70
C LYS A 33 -5.55 2.81 -1.38
N CYS A 34 -4.46 2.78 -0.63
CA CYS A 34 -4.35 3.45 0.64
C CYS A 34 -3.73 4.86 0.41
N ASN A 35 -3.43 5.26 -0.84
CA ASN A 35 -2.87 6.58 -1.11
C ASN A 35 -3.25 7.07 -2.51
N ASP A 36 -3.04 8.36 -2.74
CA ASP A 36 -3.39 9.05 -3.99
C ASP A 36 -2.55 8.57 -5.18
N GLU A 37 -1.26 8.41 -4.91
CA GLU A 37 -0.22 7.91 -5.79
C GLU A 37 -0.02 6.40 -5.56
N TYR A 38 0.97 5.75 -6.16
CA TYR A 38 1.17 4.31 -6.02
C TYR A 38 2.65 3.95 -5.97
N ASN A 39 3.34 4.12 -7.12
CA ASN A 39 4.73 3.79 -7.35
C ASN A 39 5.20 4.06 -8.78
N ILE A 40 6.51 3.84 -8.95
CA ILE A 40 7.36 3.91 -10.14
C ILE A 40 6.83 3.18 -11.38
N ALA A 41 6.20 2.06 -11.06
CA ALA A 41 5.61 1.06 -11.92
C ALA A 41 4.41 0.36 -11.29
N TYR A 42 4.60 0.06 -10.01
CA TYR A 42 3.74 -0.64 -9.08
C TYR A 42 2.65 0.19 -8.41
N GLU A 43 2.02 -0.43 -7.41
CA GLU A 43 0.99 0.15 -6.58
C GLU A 43 0.96 -0.38 -5.14
N CYS A 44 1.05 0.55 -4.20
CA CYS A 44 1.00 0.29 -2.77
C CYS A 44 -0.47 0.31 -2.29
N CYS A 45 -1.00 -0.87 -1.90
CA CYS A 45 -2.33 -1.05 -1.36
C CYS A 45 -2.21 -1.51 0.09
N LYS A 46 -3.35 -1.57 0.77
CA LYS A 46 -3.44 -2.01 2.15
C LYS A 46 -4.57 -3.01 2.38
N GLN A 47 -4.56 -3.64 3.55
CA GLN A 47 -5.51 -4.60 4.12
C GLN A 47 -5.25 -4.80 5.62
N GLY A 1 4.66 -10.55 -2.07
CA GLY A 1 4.57 -9.11 -2.35
C GLY A 1 5.72 -8.39 -1.68
N VAL A 2 5.81 -7.09 -1.93
CA VAL A 2 6.85 -6.22 -1.38
C VAL A 2 6.24 -5.31 -0.32
N CYS A 4 5.02 -2.06 1.20
CA CYS A 4 4.72 -0.70 0.75
C CYS A 4 3.54 -0.04 1.46
N ARG A 5 3.82 1.10 2.09
CA ARG A 5 2.89 1.89 2.89
C ARG A 5 1.85 2.68 2.10
N CYS A 6 0.94 3.26 2.87
CA CYS A 6 -0.23 4.04 2.46
C CYS A 6 -0.06 5.53 2.77
N ASP A 7 -0.96 6.37 2.26
CA ASP A 7 -0.94 7.85 2.40
C ASP A 7 -0.84 8.35 3.84
N SER A 8 -1.44 7.61 4.75
CA SER A 8 -1.49 7.80 6.19
C SER A 8 -1.04 6.50 6.88
N ASP A 9 0.22 6.09 6.69
CA ASP A 9 0.84 4.85 7.20
C ASP A 9 0.58 4.55 8.68
N GLY A 10 0.29 5.59 9.48
CA GLY A 10 -0.04 5.47 10.89
C GLY A 10 0.97 5.73 11.98
N PRO A 11 1.36 7.00 12.13
CA PRO A 11 2.28 7.44 13.18
C PRO A 11 1.72 7.30 14.61
N SER A 12 0.40 7.41 14.77
CA SER A 12 -0.33 7.34 16.05
C SER A 12 -0.75 5.95 16.51
N VAL A 13 -0.40 4.88 15.80
CA VAL A 13 -0.85 3.54 16.18
C VAL A 13 0.19 2.42 15.99
N HIS A 14 -0.14 1.25 16.54
CA HIS A 14 0.68 0.03 16.56
C HIS A 14 1.22 -0.42 15.20
N GLY A 15 0.44 -0.26 14.12
CA GLY A 15 0.80 -0.70 12.77
C GLY A 15 1.65 0.25 11.94
N ASN A 16 2.56 0.97 12.58
CA ASN A 16 3.49 1.99 12.08
C ASN A 16 4.57 1.53 11.08
N THR A 17 4.30 0.44 10.39
CA THR A 17 5.16 -0.24 9.43
C THR A 17 4.43 -0.62 8.15
N LEU A 18 5.19 -1.20 7.22
CA LEU A 18 4.77 -1.62 5.89
C LEU A 18 3.77 -2.79 5.88
N SER A 19 2.59 -2.50 6.42
CA SER A 19 1.40 -3.36 6.51
C SER A 19 0.75 -3.48 5.13
N GLY A 20 0.94 -2.46 4.29
CA GLY A 20 0.47 -2.38 2.92
C GLY A 20 1.48 -3.15 2.04
N THR A 21 1.09 -3.46 0.81
CA THR A 21 1.91 -4.23 -0.10
C THR A 21 1.86 -3.74 -1.53
N VAL A 22 3.00 -3.77 -2.21
CA VAL A 22 3.12 -3.41 -3.61
C VAL A 22 3.14 -4.71 -4.39
N TRP A 23 2.38 -4.59 -5.45
CA TRP A 23 2.04 -5.51 -6.50
C TRP A 23 2.38 -4.72 -7.72
N VAL A 24 3.22 -5.32 -8.54
CA VAL A 24 3.66 -4.64 -9.72
C VAL A 24 2.76 -5.01 -10.87
N GLY A 25 2.78 -4.17 -11.88
CA GLY A 25 1.90 -4.41 -13.01
C GLY A 25 0.44 -3.99 -12.68
N SER A 26 -0.19 -4.60 -11.66
CA SER A 26 -1.55 -4.33 -11.14
C SER A 26 -1.72 -4.85 -9.69
N CYS A 27 -2.71 -4.30 -8.98
CA CYS A 27 -3.10 -4.66 -7.60
C CYS A 27 -3.73 -6.06 -7.52
N ALA A 28 -3.68 -6.60 -6.31
CA ALA A 28 -4.23 -7.87 -5.88
C ALA A 28 -5.76 -7.80 -5.75
N SER A 29 -6.45 -8.83 -6.26
CA SER A 29 -7.90 -9.07 -6.36
C SER A 29 -8.84 -8.30 -5.40
N GLY A 30 -8.68 -8.56 -4.10
CA GLY A 30 -9.51 -8.00 -3.03
C GLY A 30 -8.97 -6.77 -2.31
N TRP A 31 -7.91 -6.15 -2.83
CA TRP A 31 -7.29 -4.98 -2.21
C TRP A 31 -7.71 -3.69 -2.94
N HIS A 32 -7.32 -2.53 -2.41
CA HIS A 32 -7.63 -1.23 -3.06
C HIS A 32 -6.54 -0.20 -2.75
N LYS A 33 -6.58 0.92 -3.48
CA LYS A 33 -5.68 2.08 -3.33
C LYS A 33 -5.76 2.70 -1.94
N CYS A 34 -4.67 2.54 -1.22
CA CYS A 34 -4.52 3.12 0.10
C CYS A 34 -3.81 4.48 0.01
N ASN A 35 -3.66 5.02 -1.21
CA ASN A 35 -3.06 6.33 -1.46
C ASN A 35 -3.47 6.86 -2.84
N ASP A 36 -3.25 8.15 -3.09
CA ASP A 36 -3.62 8.86 -4.33
C ASP A 36 -2.80 8.39 -5.54
N GLU A 37 -1.54 8.08 -5.27
CA GLU A 37 -0.53 7.56 -6.18
C GLU A 37 -0.34 6.05 -5.95
N TYR A 38 0.60 5.39 -6.62
CA TYR A 38 0.82 3.96 -6.48
C TYR A 38 2.32 3.65 -6.38
N ASN A 39 3.04 3.87 -7.48
CA ASN A 39 4.46 3.63 -7.61
C ASN A 39 5.08 3.99 -8.95
N ILE A 40 6.41 3.85 -8.97
CA ILE A 40 7.39 4.02 -10.03
C ILE A 40 7.01 3.37 -11.35
N ALA A 41 6.50 2.15 -11.18
CA ALA A 41 6.06 1.16 -12.13
C ALA A 41 4.83 0.40 -11.64
N TYR A 42 4.93 0.05 -10.37
CA TYR A 42 4.04 -0.72 -9.53
C TYR A 42 2.83 0.03 -8.98
N GLU A 43 2.20 -0.62 -8.00
CA GLU A 43 1.06 -0.10 -7.27
C GLU A 43 0.97 -0.64 -5.85
N CYS A 44 0.86 0.27 -4.90
CA CYS A 44 0.70 -0.04 -3.48
C CYS A 44 -0.80 -0.10 -3.16
N CYS A 45 -1.20 -1.11 -2.39
CA CYS A 45 -2.55 -1.37 -1.90
C CYS A 45 -2.45 -1.91 -0.48
N LYS A 46 -3.60 -1.95 0.19
CA LYS A 46 -3.73 -2.44 1.57
C LYS A 46 -4.83 -3.46 1.75
N GLN A 47 -4.82 -4.15 2.88
CA GLN A 47 -5.76 -5.17 3.37
C GLN A 47 -5.58 -5.45 4.88
N GLY A 1 4.92 -10.48 -2.36
CA GLY A 1 4.67 -9.03 -2.43
C GLY A 1 5.82 -8.28 -1.81
N VAL A 2 5.79 -6.96 -1.85
CA VAL A 2 6.87 -6.11 -1.33
C VAL A 2 6.36 -5.20 -0.23
N CYS A 4 5.37 -1.97 1.42
CA CYS A 4 5.07 -0.62 0.97
C CYS A 4 3.95 0.07 1.75
N ARG A 5 4.23 1.26 2.29
CA ARG A 5 3.30 2.04 3.10
C ARG A 5 2.53 3.07 2.31
N CYS A 6 1.63 3.69 3.06
CA CYS A 6 0.75 4.75 2.63
C CYS A 6 0.91 6.01 3.49
N ASP A 7 0.21 7.09 3.12
CA ASP A 7 0.25 8.42 3.77
C ASP A 7 -0.02 8.43 5.28
N SER A 8 -0.85 7.48 5.72
CA SER A 8 -1.26 7.24 7.11
C SER A 8 -0.43 6.14 7.82
N ASP A 9 0.27 5.29 7.06
CA ASP A 9 1.11 4.13 7.43
C ASP A 9 0.55 3.24 8.58
N GLY A 10 -0.78 3.24 8.73
CA GLY A 10 -1.46 2.52 9.78
C GLY A 10 -2.96 2.53 9.68
N PRO A 11 -3.45 1.79 8.69
CA PRO A 11 -4.87 1.60 8.42
C PRO A 11 -5.70 1.06 9.61
N SER A 12 -5.06 0.41 10.59
CA SER A 12 -5.65 -0.13 11.82
C SER A 12 -5.13 0.60 13.04
N VAL A 13 -3.87 1.00 12.94
CA VAL A 13 -3.06 1.67 13.94
C VAL A 13 -1.73 2.05 13.28
N HIS A 14 -1.24 3.25 13.56
CA HIS A 14 -0.03 3.88 13.04
C HIS A 14 1.27 3.50 13.78
N GLY A 15 2.42 3.72 13.14
CA GLY A 15 3.73 3.45 13.77
C GLY A 15 4.93 3.31 12.86
N ASN A 16 4.88 3.97 11.72
CA ASN A 16 5.84 4.02 10.63
C ASN A 16 6.27 2.65 10.09
N THR A 17 5.28 1.82 9.82
CA THR A 17 5.49 0.45 9.33
C THR A 17 4.85 0.17 7.98
N LEU A 18 5.40 -0.83 7.31
CA LEU A 18 4.96 -1.31 6.01
C LEU A 18 3.77 -2.27 6.11
N SER A 19 2.71 -1.82 6.79
CA SER A 19 1.41 -2.51 6.98
C SER A 19 0.55 -2.42 5.70
N GLY A 20 1.23 -2.36 4.56
CA GLY A 20 0.75 -2.31 3.20
C GLY A 20 1.71 -3.13 2.33
N THR A 21 1.35 -3.31 1.07
CA THR A 21 2.12 -4.12 0.14
C THR A 21 2.01 -3.60 -1.27
N VAL A 22 3.12 -3.62 -2.01
CA VAL A 22 3.16 -3.24 -3.39
C VAL A 22 3.11 -4.52 -4.18
N TRP A 23 2.21 -4.42 -5.11
CA TRP A 23 1.81 -5.36 -6.14
C TRP A 23 2.18 -4.66 -7.40
N VAL A 24 2.98 -5.35 -8.18
CA VAL A 24 3.46 -4.77 -9.41
C VAL A 24 2.51 -5.16 -10.49
N GLY A 25 2.57 -4.43 -11.60
CA GLY A 25 1.63 -4.73 -12.66
C GLY A 25 0.28 -4.03 -12.31
N SER A 26 -0.33 -4.38 -11.16
CA SER A 26 -1.56 -3.85 -10.53
C SER A 26 -1.89 -4.53 -9.17
N CYS A 27 -2.81 -3.97 -8.37
CA CYS A 27 -3.22 -4.42 -7.02
C CYS A 27 -3.96 -5.76 -6.91
N ALA A 28 -3.86 -6.32 -5.71
CA ALA A 28 -4.50 -7.54 -5.27
C ALA A 28 -6.00 -7.30 -5.12
N SER A 29 -6.78 -8.19 -5.73
CA SER A 29 -8.26 -8.26 -5.86
C SER A 29 -9.15 -7.78 -4.71
N GLY A 30 -8.70 -7.90 -3.45
CA GLY A 30 -9.46 -7.51 -2.26
C GLY A 30 -8.92 -6.29 -1.51
N TRP A 31 -7.87 -5.64 -2.02
CA TRP A 31 -7.20 -4.49 -1.41
C TRP A 31 -7.58 -3.17 -2.12
N HIS A 32 -7.14 -2.03 -1.58
CA HIS A 32 -7.48 -0.70 -2.15
C HIS A 32 -6.38 0.31 -1.87
N LYS A 33 -6.46 1.48 -2.53
CA LYS A 33 -5.50 2.58 -2.45
C LYS A 33 -5.50 3.29 -1.12
N CYS A 34 -4.41 3.08 -0.40
CA CYS A 34 -4.22 3.75 0.88
C CYS A 34 -3.61 5.15 0.64
N ASN A 35 -3.29 5.53 -0.61
CA ASN A 35 -2.67 6.80 -0.96
C ASN A 35 -2.95 7.19 -2.42
N ASP A 36 -2.69 8.46 -2.78
CA ASP A 36 -2.96 9.00 -4.14
C ASP A 36 -1.97 8.52 -5.20
N GLU A 37 -0.76 8.17 -4.76
CA GLU A 37 0.32 7.63 -5.59
C GLU A 37 0.40 6.10 -5.40
N TYR A 38 1.26 5.41 -6.13
CA TYR A 38 1.37 3.96 -6.06
C TYR A 38 2.83 3.54 -6.13
N ASN A 39 3.46 3.86 -7.28
CA ASN A 39 4.83 3.53 -7.62
C ASN A 39 5.27 3.92 -9.03
N ILE A 40 6.55 3.65 -9.28
CA ILE A 40 7.35 3.80 -10.48
C ILE A 40 6.73 3.14 -11.72
N ALA A 41 6.08 2.03 -11.44
CA ALA A 41 5.42 1.09 -12.31
C ALA A 41 4.27 0.35 -11.63
N TYR A 42 4.59 -0.09 -10.41
CA TYR A 42 3.81 -0.86 -9.47
C TYR A 42 2.70 -0.08 -8.78
N GLU A 43 2.10 -0.68 -7.76
CA GLU A 43 1.06 -0.06 -6.96
C GLU A 43 1.02 -0.49 -5.50
N CYS A 44 1.01 0.50 -4.64
CA CYS A 44 0.91 0.33 -3.20
C CYS A 44 -0.57 0.24 -2.78
N CYS A 45 -0.92 -0.75 -1.97
CA CYS A 45 -2.24 -0.97 -1.39
C CYS A 45 -2.06 -1.47 0.04
N LYS A 46 -3.18 -1.60 0.75
CA LYS A 46 -3.21 -2.08 2.14
C LYS A 46 -4.35 -3.05 2.42
N GLN A 47 -4.26 -3.72 3.56
CA GLN A 47 -5.20 -4.68 4.17
C GLN A 47 -4.87 -5.01 5.63
N GLY A 1 5.25 -10.56 -2.88
CA GLY A 1 4.83 -9.14 -2.88
C GLY A 1 6.00 -8.25 -2.57
N VAL A 2 5.74 -6.95 -2.40
CA VAL A 2 6.75 -5.95 -2.05
C VAL A 2 6.23 -5.13 -0.88
N CYS A 4 5.10 -2.21 1.26
CA CYS A 4 4.75 -0.83 1.04
C CYS A 4 3.59 -0.31 1.88
N ARG A 5 3.83 0.79 2.59
CA ARG A 5 2.86 1.45 3.44
C ARG A 5 2.06 2.51 2.70
N CYS A 6 0.97 2.87 3.35
CA CYS A 6 0.07 3.91 2.89
C CYS A 6 0.70 5.27 3.25
N ASP A 7 0.30 6.36 2.60
CA ASP A 7 0.87 7.73 2.80
C ASP A 7 0.70 8.30 4.22
N SER A 8 -0.13 7.65 5.04
CA SER A 8 -0.42 8.00 6.44
C SER A 8 0.07 6.95 7.46
N ASP A 9 0.41 5.74 6.97
CA ASP A 9 0.87 4.46 7.56
C ASP A 9 0.17 3.93 8.82
N GLY A 10 -0.70 4.74 9.42
CA GLY A 10 -1.39 4.42 10.64
C GLY A 10 -2.25 5.55 11.15
N PRO A 11 -3.35 5.82 10.42
CA PRO A 11 -4.29 6.88 10.70
C PRO A 11 -4.98 6.84 12.08
N SER A 12 -5.00 5.68 12.74
CA SER A 12 -5.55 5.42 14.07
C SER A 12 -4.42 5.25 15.07
N VAL A 13 -3.35 4.61 14.63
CA VAL A 13 -2.19 4.29 15.44
C VAL A 13 -0.97 4.09 14.55
N HIS A 14 0.14 4.72 14.92
CA HIS A 14 1.44 4.75 14.23
C HIS A 14 1.87 3.39 13.64
N GLY A 15 2.17 3.32 12.34
CA GLY A 15 2.53 2.05 11.69
C GLY A 15 3.62 2.10 10.63
N ASN A 16 4.88 2.32 11.04
CA ASN A 16 6.03 2.33 10.12
C ASN A 16 6.17 0.99 9.35
N THR A 17 5.67 -0.06 10.00
CA THR A 17 5.67 -1.45 9.59
C THR A 17 4.71 -1.69 8.45
N LEU A 18 5.33 -2.14 7.36
CA LEU A 18 4.78 -2.44 6.05
C LEU A 18 3.69 -3.53 6.02
N SER A 19 2.55 -3.20 6.65
CA SER A 19 1.32 -4.01 6.71
C SER A 19 0.57 -3.97 5.38
N GLY A 20 0.93 -3.01 4.52
CA GLY A 20 0.42 -2.78 3.18
C GLY A 20 1.36 -3.51 2.22
N THR A 21 1.04 -3.56 0.93
CA THR A 21 1.86 -4.29 -0.03
C THR A 21 1.70 -3.78 -1.44
N VAL A 22 2.79 -3.88 -2.19
CA VAL A 22 2.92 -3.52 -3.59
C VAL A 22 2.64 -4.73 -4.44
N TRP A 23 1.94 -4.43 -5.51
CA TRP A 23 1.48 -5.32 -6.53
C TRP A 23 1.87 -4.62 -7.79
N VAL A 24 2.85 -5.22 -8.42
CA VAL A 24 3.37 -4.64 -9.62
C VAL A 24 2.39 -4.87 -10.71
N GLY A 25 2.51 -4.07 -11.75
CA GLY A 25 1.56 -4.19 -12.84
C GLY A 25 0.27 -3.43 -12.40
N SER A 26 -0.40 -3.87 -11.31
CA SER A 26 -1.60 -3.34 -10.63
C SER A 26 -1.99 -4.17 -9.38
N CYS A 27 -2.85 -3.64 -8.50
CA CYS A 27 -3.35 -4.18 -7.21
C CYS A 27 -3.93 -5.60 -7.20
N ALA A 28 -3.78 -6.23 -6.04
CA ALA A 28 -4.28 -7.56 -5.71
C ALA A 28 -5.82 -7.56 -5.61
N SER A 29 -6.42 -8.58 -6.21
CA SER A 29 -7.85 -8.90 -6.37
C SER A 29 -8.88 -8.31 -5.38
N GLY A 30 -8.62 -8.44 -4.08
CA GLY A 30 -9.49 -8.00 -2.98
C GLY A 30 -8.99 -6.83 -2.13
N TRP A 31 -7.91 -6.19 -2.54
CA TRP A 31 -7.34 -5.02 -1.86
C TRP A 31 -7.71 -3.71 -2.58
N HIS A 32 -7.31 -2.57 -2.02
CA HIS A 32 -7.56 -1.28 -2.66
C HIS A 32 -6.48 -0.27 -2.30
N LYS A 33 -6.44 0.82 -3.04
CA LYS A 33 -5.51 1.93 -2.83
C LYS A 33 -5.71 2.65 -1.52
N CYS A 34 -4.64 2.65 -0.74
CA CYS A 34 -4.58 3.32 0.52
C CYS A 34 -3.95 4.72 0.30
N ASN A 35 -3.64 5.15 -0.94
CA ASN A 35 -2.99 6.45 -1.18
C ASN A 35 -3.19 7.00 -2.61
N ASP A 36 -2.79 8.27 -2.83
CA ASP A 36 -2.93 8.94 -4.14
C ASP A 36 -1.90 8.50 -5.17
N GLU A 37 -0.72 8.12 -4.68
CA GLU A 37 0.39 7.60 -5.46
C GLU A 37 0.41 6.07 -5.29
N TYR A 38 1.34 5.36 -5.94
CA TYR A 38 1.39 3.90 -5.86
C TYR A 38 2.83 3.45 -5.87
N ASN A 39 3.50 3.73 -6.98
CA ASN A 39 4.89 3.47 -7.24
C ASN A 39 5.34 3.84 -8.65
N ILE A 40 6.66 3.76 -8.83
CA ILE A 40 7.48 3.96 -9.99
C ILE A 40 7.03 3.20 -11.24
N ALA A 41 6.60 1.98 -10.95
CA ALA A 41 6.15 0.92 -11.82
C ALA A 41 4.87 0.25 -11.36
N TYR A 42 4.88 -0.08 -10.08
CA TYR A 42 3.91 -0.77 -9.28
C TYR A 42 2.82 0.08 -8.67
N GLU A 43 2.11 -0.57 -7.76
CA GLU A 43 1.06 0.03 -6.98
C GLU A 43 1.03 -0.48 -5.56
N CYS A 44 0.88 0.45 -4.63
CA CYS A 44 0.75 0.20 -3.21
C CYS A 44 -0.72 0.10 -2.83
N CYS A 45 -1.10 -0.96 -2.14
CA CYS A 45 -2.43 -1.21 -1.62
C CYS A 45 -2.32 -1.69 -0.18
N LYS A 46 -3.47 -1.79 0.47
CA LYS A 46 -3.57 -2.28 1.84
C LYS A 46 -4.74 -3.28 1.99
N GLN A 47 -4.76 -4.00 3.09
CA GLN A 47 -5.80 -4.98 3.47
C GLN A 47 -5.92 -5.21 4.97
N GLY A 1 4.78 -9.97 -3.23
CA GLY A 1 4.51 -8.61 -2.71
C GLY A 1 5.77 -8.00 -2.13
N VAL A 2 5.68 -6.73 -1.72
CA VAL A 2 6.81 -5.95 -1.17
C VAL A 2 6.30 -4.97 -0.10
N CYS A 4 5.32 -1.66 1.50
CA CYS A 4 5.03 -0.30 1.05
C CYS A 4 3.98 0.44 1.88
N ARG A 5 4.30 1.68 2.23
CA ARG A 5 3.47 2.56 3.06
C ARG A 5 2.38 3.28 2.28
N CYS A 6 1.60 4.03 3.03
CA CYS A 6 0.51 4.88 2.58
C CYS A 6 0.95 6.36 2.68
N ASP A 7 0.20 7.32 2.13
CA ASP A 7 0.56 8.77 2.11
C ASP A 7 1.01 9.35 3.47
N SER A 8 0.18 9.19 4.51
CA SER A 8 0.48 9.68 5.86
C SER A 8 1.29 8.70 6.73
N ASP A 9 1.67 7.53 6.19
CA ASP A 9 2.39 6.40 6.77
C ASP A 9 2.08 6.05 8.24
N GLY A 10 0.82 6.25 8.64
CA GLY A 10 0.36 5.93 9.98
C GLY A 10 -1.13 5.86 10.20
N PRO A 11 -1.79 4.97 9.46
CA PRO A 11 -3.23 4.72 9.57
C PRO A 11 -3.75 4.35 10.98
N SER A 12 -2.84 3.96 11.88
CA SER A 12 -2.98 3.60 13.31
C SER A 12 -3.86 2.44 13.69
N VAL A 13 -3.44 1.28 13.23
CA VAL A 13 -4.21 0.05 13.44
C VAL A 13 -3.46 -1.27 13.38
N HIS A 14 -2.69 -1.33 12.32
CA HIS A 14 -1.82 -2.38 11.81
C HIS A 14 -0.48 -2.58 12.55
N GLY A 15 0.31 -1.52 12.67
CA GLY A 15 1.65 -1.48 13.28
C GLY A 15 2.36 -0.14 13.02
N ASN A 16 3.66 -0.06 13.33
CA ASN A 16 4.51 1.15 13.21
C ASN A 16 5.42 1.22 11.96
N THR A 17 5.30 0.26 11.06
CA THR A 17 6.07 0.06 9.82
C THR A 17 5.19 -0.33 8.64
N LEU A 18 5.84 -0.68 7.52
CA LEU A 18 5.32 -1.06 6.21
C LEU A 18 4.31 -2.23 6.17
N SER A 19 3.22 -2.15 6.93
CA SER A 19 2.15 -3.17 6.95
C SER A 19 1.36 -3.14 5.63
N GLY A 20 1.51 -2.07 4.85
CA GLY A 20 0.90 -1.89 3.54
C GLY A 20 1.76 -2.71 2.56
N THR A 21 1.36 -2.84 1.30
CA THR A 21 2.12 -3.68 0.39
C THR A 21 1.97 -3.25 -1.05
N VAL A 22 3.06 -3.37 -1.81
CA VAL A 22 3.13 -3.09 -3.22
C VAL A 22 3.04 -4.42 -3.94
N TRP A 23 2.16 -4.33 -4.89
CA TRP A 23 1.70 -5.33 -5.82
C TRP A 23 2.02 -4.73 -7.17
N VAL A 24 2.98 -5.35 -7.79
CA VAL A 24 3.45 -4.88 -9.06
C VAL A 24 2.49 -5.39 -10.09
N GLY A 25 2.50 -4.77 -11.26
CA GLY A 25 1.56 -5.17 -12.26
C GLY A 25 0.19 -4.51 -11.98
N SER A 26 -0.37 -4.70 -10.75
CA SER A 26 -1.62 -4.15 -10.16
C SER A 26 -1.93 -4.73 -8.74
N CYS A 27 -2.84 -4.10 -7.97
CA CYS A 27 -3.25 -4.44 -6.58
C CYS A 27 -3.95 -5.80 -6.40
N ALA A 28 -3.77 -6.35 -5.19
CA ALA A 28 -4.34 -7.59 -4.72
C ALA A 28 -5.88 -7.47 -4.57
N SER A 29 -6.57 -8.51 -5.06
CA SER A 29 -8.00 -8.82 -5.19
C SER A 29 -9.03 -8.30 -4.16
N GLY A 30 -8.60 -7.88 -2.97
CA GLY A 30 -9.45 -7.41 -1.87
C GLY A 30 -8.90 -6.23 -1.07
N TRP A 31 -7.82 -5.61 -1.55
CA TRP A 31 -7.21 -4.43 -0.92
C TRP A 31 -7.65 -3.14 -1.63
N HIS A 32 -7.20 -1.97 -1.16
CA HIS A 32 -7.53 -0.70 -1.83
C HIS A 32 -6.39 0.31 -1.67
N LYS A 33 -6.48 1.39 -2.44
CA LYS A 33 -5.53 2.53 -2.43
C LYS A 33 -5.53 3.23 -1.09
N CYS A 34 -4.44 3.06 -0.37
CA CYS A 34 -4.22 3.71 0.92
C CYS A 34 -3.60 5.11 0.67
N ASN A 35 -3.32 5.43 -0.60
CA ASN A 35 -2.69 6.66 -1.02
C ASN A 35 -3.15 7.06 -2.43
N ASP A 36 -2.88 8.31 -2.81
CA ASP A 36 -3.27 8.88 -4.09
C ASP A 36 -2.55 8.24 -5.29
N GLU A 37 -1.24 8.14 -5.12
CA GLU A 37 -0.25 7.54 -6.01
C GLU A 37 -0.18 6.03 -5.75
N TYR A 38 0.72 5.31 -6.41
CA TYR A 38 0.91 3.89 -6.20
C TYR A 38 2.41 3.60 -6.23
N ASN A 39 3.02 3.70 -7.41
CA ASN A 39 4.43 3.49 -7.64
C ASN A 39 4.90 3.82 -9.06
N ILE A 40 6.21 3.67 -9.23
CA ILE A 40 7.04 3.81 -10.41
C ILE A 40 6.45 3.15 -11.67
N ALA A 41 5.85 2.01 -11.37
CA ALA A 41 5.23 1.04 -12.23
C ALA A 41 4.06 0.34 -11.52
N TYR A 42 4.41 -0.17 -10.34
CA TYR A 42 3.69 -0.95 -9.37
C TYR A 42 2.54 -0.19 -8.71
N GLU A 43 1.97 -0.80 -7.67
CA GLU A 43 0.91 -0.19 -6.89
C GLU A 43 0.90 -0.57 -5.41
N CYS A 44 0.91 0.47 -4.59
CA CYS A 44 0.84 0.34 -3.14
C CYS A 44 -0.65 0.37 -2.73
N CYS A 45 -1.01 -0.54 -1.84
CA CYS A 45 -2.32 -0.71 -1.22
C CYS A 45 -2.08 -1.13 0.22
N LYS A 46 -3.16 -1.21 0.98
CA LYS A 46 -3.16 -1.62 2.37
C LYS A 46 -4.37 -2.53 2.64
N GLN A 47 -4.38 -3.14 3.81
CA GLN A 47 -5.45 -3.99 4.34
C GLN A 47 -5.48 -3.89 5.87
N GLY A 1 5.52 -10.69 -3.16
CA GLY A 1 5.09 -9.28 -3.08
C GLY A 1 6.08 -8.50 -2.27
N VAL A 2 6.00 -7.18 -2.33
CA VAL A 2 6.95 -6.31 -1.62
C VAL A 2 6.24 -5.56 -0.52
N CYS A 4 4.94 -2.57 1.42
CA CYS A 4 4.70 -1.18 1.07
C CYS A 4 3.55 -0.54 1.86
N ARG A 5 3.79 0.67 2.41
CA ARG A 5 2.82 1.40 3.21
C ARG A 5 2.03 2.43 2.45
N CYS A 6 0.90 2.72 3.07
CA CYS A 6 -0.14 3.63 2.63
C CYS A 6 0.15 5.11 2.95
N ASP A 7 -0.79 5.97 2.56
CA ASP A 7 -0.79 7.44 2.75
C ASP A 7 -0.95 7.82 4.22
N SER A 8 -1.74 7.02 4.94
CA SER A 8 -2.02 7.14 6.38
C SER A 8 -1.49 5.89 7.10
N ASP A 9 -0.20 5.57 6.91
CA ASP A 9 0.44 4.43 7.59
C ASP A 9 0.38 4.54 9.13
N GLY A 10 0.35 5.76 9.65
CA GLY A 10 0.22 6.10 11.07
C GLY A 10 0.54 7.54 11.43
N PRO A 11 -0.31 8.46 10.94
CA PRO A 11 -0.17 9.88 11.17
C PRO A 11 -0.43 10.42 12.59
N SER A 12 -0.99 9.62 13.53
CA SER A 12 -1.33 10.09 14.89
C SER A 12 -1.18 9.07 16.00
N VAL A 13 -0.35 8.08 15.73
CA VAL A 13 -0.06 6.92 16.56
C VAL A 13 1.26 6.30 16.09
N HIS A 14 1.84 5.36 16.84
CA HIS A 14 3.07 4.68 16.44
C HIS A 14 2.85 3.70 15.27
N GLY A 15 3.52 3.92 14.15
CA GLY A 15 3.44 3.01 13.01
C GLY A 15 4.17 1.70 13.29
N ASN A 16 3.58 0.56 12.91
CA ASN A 16 4.13 -0.76 13.17
C ASN A 16 4.90 -1.33 11.97
N THR A 17 4.19 -1.77 10.93
CA THR A 17 4.80 -2.39 9.75
C THR A 17 4.05 -2.26 8.45
N LEU A 18 4.78 -2.69 7.42
CA LEU A 18 4.39 -2.77 6.02
C LEU A 18 3.41 -3.93 5.78
N SER A 19 2.23 -3.83 6.40
CA SER A 19 1.12 -4.79 6.26
C SER A 19 0.56 -4.70 4.83
N GLY A 20 0.74 -3.52 4.21
CA GLY A 20 0.36 -3.21 2.84
C GLY A 20 1.41 -3.85 1.93
N THR A 21 1.06 -4.05 0.67
CA THR A 21 1.92 -4.70 -0.30
C THR A 21 1.82 -4.05 -1.66
N VAL A 22 2.95 -3.93 -2.35
CA VAL A 22 2.99 -3.41 -3.68
C VAL A 22 2.93 -4.58 -4.63
N TRP A 23 2.12 -4.32 -5.62
CA TRP A 23 1.75 -5.14 -6.75
C TRP A 23 2.16 -4.33 -7.93
N VAL A 24 3.04 -4.95 -8.66
CA VAL A 24 3.65 -4.36 -9.82
C VAL A 24 2.80 -4.71 -11.03
N GLY A 25 2.71 -3.78 -11.97
CA GLY A 25 1.90 -3.98 -13.15
C GLY A 25 0.38 -3.72 -12.91
N SER A 26 -0.14 -4.06 -11.72
CA SER A 26 -1.53 -3.89 -11.21
C SER A 26 -1.75 -4.51 -9.83
N CYS A 27 -2.70 -3.96 -9.07
CA CYS A 27 -3.13 -4.42 -7.73
C CYS A 27 -3.70 -5.84 -7.79
N ALA A 28 -3.73 -6.47 -6.62
CA ALA A 28 -4.26 -7.79 -6.38
C ALA A 28 -5.80 -7.72 -6.33
N SER A 29 -6.47 -8.62 -7.05
CA SER A 29 -7.91 -8.78 -7.26
C SER A 29 -8.86 -8.31 -6.15
N GLY A 30 -8.60 -8.72 -4.90
CA GLY A 30 -9.43 -8.40 -3.72
C GLY A 30 -8.98 -7.23 -2.84
N TRP A 31 -7.92 -6.52 -3.22
CA TRP A 31 -7.38 -5.38 -2.47
C TRP A 31 -7.80 -4.05 -3.12
N HIS A 32 -7.36 -2.92 -2.55
CA HIS A 32 -7.66 -1.60 -3.10
C HIS A 32 -6.54 -0.62 -2.73
N LYS A 33 -6.50 0.49 -3.43
CA LYS A 33 -5.56 1.59 -3.21
C LYS A 33 -5.68 2.21 -1.85
N CYS A 34 -4.60 2.11 -1.10
CA CYS A 34 -4.51 2.70 0.22
C CYS A 34 -3.91 4.12 0.10
N ASN A 35 -3.67 4.67 -1.13
CA ASN A 35 -3.13 6.04 -1.26
C ASN A 35 -3.42 6.67 -2.63
N ASP A 36 -3.17 7.98 -2.72
CA ASP A 36 -3.32 8.79 -3.95
C ASP A 36 -2.34 8.39 -5.05
N GLU A 37 -1.09 8.26 -4.64
CA GLU A 37 0.04 7.83 -5.43
C GLU A 37 0.13 6.29 -5.35
N TYR A 38 1.11 5.63 -5.96
CA TYR A 38 1.20 4.17 -5.94
C TYR A 38 2.64 3.71 -5.86
N ASN A 39 3.40 4.11 -6.89
CA ASN A 39 4.79 3.80 -7.12
C ASN A 39 5.32 4.27 -8.49
N ILE A 40 6.62 4.06 -8.63
CA ILE A 40 7.49 4.30 -9.77
C ILE A 40 6.96 3.74 -11.10
N ALA A 41 6.35 2.57 -10.94
CA ALA A 41 5.77 1.71 -11.93
C ALA A 41 4.49 1.02 -11.40
N TYR A 42 4.70 0.42 -10.24
CA TYR A 42 3.84 -0.39 -9.40
C TYR A 42 2.70 0.34 -8.70
N GLU A 43 2.07 -0.37 -7.76
CA GLU A 43 1.01 0.14 -6.93
C GLU A 43 0.91 -0.45 -5.52
N CYS A 44 0.87 0.43 -4.55
CA CYS A 44 0.72 0.11 -3.15
C CYS A 44 -0.76 -0.08 -2.77
N CYS A 45 -1.12 -1.30 -2.38
CA CYS A 45 -2.48 -1.63 -1.94
C CYS A 45 -2.38 -2.24 -0.54
N LYS A 46 -3.52 -2.36 0.11
CA LYS A 46 -3.64 -2.91 1.46
C LYS A 46 -4.78 -3.92 1.61
N GLN A 47 -4.82 -4.63 2.72
CA GLN A 47 -5.83 -5.62 3.16
C GLN A 47 -5.88 -5.84 4.69
N GLY A 1 5.26 -10.55 -3.11
CA GLY A 1 4.88 -9.13 -2.93
C GLY A 1 6.05 -8.37 -2.36
N VAL A 2 5.86 -7.08 -2.09
CA VAL A 2 6.89 -6.23 -1.49
C VAL A 2 6.24 -5.40 -0.40
N CYS A 4 4.98 -2.28 1.29
CA CYS A 4 4.68 -0.92 0.85
C CYS A 4 3.50 -0.29 1.56
N ARG A 5 3.76 0.79 2.30
CA ARG A 5 2.75 1.55 3.00
C ARG A 5 2.15 2.68 2.20
N CYS A 6 1.17 3.28 2.83
CA CYS A 6 0.35 4.37 2.37
C CYS A 6 0.53 5.63 3.20
N ASP A 7 -0.21 6.68 2.86
CA ASP A 7 -0.20 7.95 3.59
C ASP A 7 -0.73 7.70 5.01
N SER A 8 -1.93 7.12 5.09
CA SER A 8 -2.59 6.74 6.34
C SER A 8 -2.17 5.32 6.79
N ASP A 9 -0.87 4.97 6.70
CA ASP A 9 -0.30 3.67 7.13
C ASP A 9 -0.89 3.18 8.48
N GLY A 10 -1.05 4.11 9.42
CA GLY A 10 -1.63 3.87 10.74
C GLY A 10 -1.46 4.97 11.77
N PRO A 11 -1.97 6.17 11.46
CA PRO A 11 -1.88 7.35 12.31
C PRO A 11 -2.59 7.29 13.68
N SER A 12 -3.49 6.34 13.92
CA SER A 12 -4.22 6.18 15.19
C SER A 12 -3.38 5.71 16.35
N VAL A 13 -2.27 5.08 16.00
CA VAL A 13 -1.29 4.46 16.88
C VAL A 13 0.13 4.72 16.40
N HIS A 14 1.05 3.86 16.80
CA HIS A 14 2.46 3.89 16.41
C HIS A 14 2.67 3.39 14.99
N GLY A 15 2.46 4.27 14.02
CA GLY A 15 2.68 3.94 12.61
C GLY A 15 4.17 3.86 12.31
N ASN A 16 4.69 2.66 12.07
CA ASN A 16 6.13 2.44 11.84
C ASN A 16 6.51 1.33 10.84
N THR A 17 5.60 0.42 10.47
CA THR A 17 5.90 -0.71 9.58
C THR A 17 4.92 -0.90 8.42
N LEU A 18 5.48 -1.50 7.37
CA LEU A 18 4.88 -1.81 6.08
C LEU A 18 3.81 -2.92 6.07
N SER A 19 2.69 -2.71 6.78
CA SER A 19 1.55 -3.67 6.79
C SER A 19 0.83 -3.72 5.43
N GLY A 20 1.13 -2.78 4.53
CA GLY A 20 0.62 -2.68 3.16
C GLY A 20 1.53 -3.45 2.18
N THR A 21 1.15 -3.55 0.91
CA THR A 21 1.92 -4.31 -0.07
C THR A 21 1.81 -3.77 -1.47
N VAL A 22 2.92 -3.81 -2.22
CA VAL A 22 3.00 -3.41 -3.60
C VAL A 22 2.97 -4.69 -4.41
N TRP A 23 2.19 -4.52 -5.46
CA TRP A 23 1.82 -5.44 -6.50
C TRP A 23 2.20 -4.72 -7.75
N VAL A 24 3.10 -5.34 -8.47
CA VAL A 24 3.59 -4.71 -9.66
C VAL A 24 2.66 -5.06 -10.80
N GLY A 25 2.75 -4.28 -11.86
CA GLY A 25 1.86 -4.50 -12.97
C GLY A 25 0.47 -3.90 -12.64
N SER A 26 -0.22 -4.40 -11.61
CA SER A 26 -1.53 -3.95 -11.08
C SER A 26 -1.80 -4.46 -9.64
N CYS A 27 -2.74 -3.84 -8.91
CA CYS A 27 -3.15 -4.26 -7.54
C CYS A 27 -3.76 -5.66 -7.49
N ALA A 28 -3.77 -6.20 -6.27
CA ALA A 28 -4.33 -7.49 -5.89
C ALA A 28 -5.86 -7.39 -5.79
N SER A 29 -6.54 -8.37 -6.38
CA SER A 29 -7.99 -8.59 -6.51
C SER A 29 -8.92 -7.85 -5.53
N GLY A 30 -8.83 -8.18 -4.24
CA GLY A 30 -9.65 -7.64 -3.16
C GLY A 30 -9.08 -6.47 -2.38
N TRP A 31 -7.99 -5.87 -2.84
CA TRP A 31 -7.34 -4.74 -2.18
C TRP A 31 -7.74 -3.41 -2.86
N HIS A 32 -7.30 -2.27 -2.30
CA HIS A 32 -7.62 -0.94 -2.88
C HIS A 32 -6.50 0.05 -2.57
N LYS A 33 -6.56 1.21 -3.24
CA LYS A 33 -5.62 2.32 -3.06
C LYS A 33 -5.74 2.98 -1.71
N CYS A 34 -4.68 2.82 -0.93
CA CYS A 34 -4.57 3.43 0.37
C CYS A 34 -3.94 4.84 0.22
N ASN A 35 -3.57 5.26 -1.01
CA ASN A 35 -2.92 6.55 -1.29
C ASN A 35 -3.13 6.99 -2.74
N ASP A 36 -2.81 8.25 -3.05
CA ASP A 36 -2.98 8.86 -4.39
C ASP A 36 -2.01 8.36 -5.45
N GLU A 37 -0.80 8.05 -5.00
CA GLU A 37 0.30 7.49 -5.76
C GLU A 37 0.38 5.97 -5.59
N TYR A 38 1.30 5.30 -6.28
CA TYR A 38 1.43 3.85 -6.24
C TYR A 38 2.89 3.44 -6.23
N ASN A 39 3.59 3.76 -7.33
CA ASN A 39 4.98 3.44 -7.57
C ASN A 39 5.50 3.81 -8.96
N ILE A 40 6.80 3.60 -9.11
CA ILE A 40 7.68 3.75 -10.25
C ILE A 40 7.12 3.13 -11.53
N ALA A 41 6.58 1.95 -11.32
CA ALA A 41 6.00 1.00 -12.23
C ALA A 41 4.75 0.29 -11.66
N TYR A 42 4.94 -0.13 -10.42
CA TYR A 42 4.06 -0.87 -9.55
C TYR A 42 2.90 -0.07 -8.97
N GLU A 43 2.24 -0.71 -8.00
CA GLU A 43 1.14 -0.12 -7.26
C GLU A 43 1.03 -0.59 -5.81
N CYS A 44 1.00 0.38 -4.93
CA CYS A 44 0.85 0.19 -3.50
C CYS A 44 -0.65 0.09 -3.15
N CYS A 45 -1.02 -0.91 -2.37
CA CYS A 45 -2.37 -1.17 -1.87
C CYS A 45 -2.28 -1.70 -0.45
N LYS A 46 -3.44 -1.79 0.19
CA LYS A 46 -3.58 -2.32 1.56
C LYS A 46 -4.76 -3.27 1.71
N GLN A 47 -4.80 -3.97 2.84
CA GLN A 47 -5.82 -4.92 3.30
C GLN A 47 -5.73 -5.20 4.81
N GLY A 1 4.61 -9.75 -4.42
CA GLY A 1 4.26 -8.70 -3.44
C GLY A 1 5.50 -8.20 -2.76
N VAL A 2 5.45 -6.99 -2.23
CA VAL A 2 6.57 -6.30 -1.57
C VAL A 2 6.05 -5.38 -0.46
N CYS A 4 5.08 -2.12 1.21
CA CYS A 4 4.92 -0.72 0.83
C CYS A 4 3.72 0.04 1.43
N ARG A 5 4.00 1.07 2.25
CA ARG A 5 3.04 1.91 2.96
C ARG A 5 2.25 2.80 2.01
N CYS A 6 1.47 3.60 2.68
CA CYS A 6 0.58 4.63 2.19
C CYS A 6 0.59 5.84 3.15
N ASP A 7 -0.02 6.96 2.76
CA ASP A 7 -0.05 8.22 3.54
C ASP A 7 -0.86 7.97 4.83
N SER A 8 -1.93 7.19 4.66
CA SER A 8 -2.87 6.72 5.66
C SER A 8 -2.47 5.34 6.22
N ASP A 9 -1.19 4.92 6.21
CA ASP A 9 -0.76 3.58 6.70
C ASP A 9 -1.24 3.26 8.14
N GLY A 10 -1.58 4.28 8.93
CA GLY A 10 -2.10 4.11 10.29
C GLY A 10 -1.94 5.29 11.22
N PRO A 11 -2.71 6.35 10.98
CA PRO A 11 -2.64 7.57 11.76
C PRO A 11 -2.97 7.48 13.26
N SER A 12 -3.61 6.40 13.74
CA SER A 12 -3.97 6.22 15.16
C SER A 12 -2.88 5.59 16.00
N VAL A 13 -1.90 4.95 15.36
CA VAL A 13 -0.85 4.24 16.08
C VAL A 13 0.42 4.10 15.27
N HIS A 14 1.58 4.31 15.90
CA HIS A 14 2.91 4.28 15.29
C HIS A 14 3.13 3.19 14.23
N GLY A 15 3.17 3.63 12.96
CA GLY A 15 3.32 2.80 11.78
C GLY A 15 4.74 2.26 11.56
N ASN A 16 5.15 1.38 12.48
CA ASN A 16 6.42 0.72 12.59
C ASN A 16 6.76 -0.14 11.38
N THR A 17 5.73 -0.74 10.77
CA THR A 17 5.83 -1.64 9.63
C THR A 17 4.73 -1.44 8.60
N LEU A 18 5.09 -1.86 7.41
CA LEU A 18 4.39 -1.82 6.13
C LEU A 18 3.08 -2.62 6.09
N SER A 19 1.99 -2.01 6.58
CA SER A 19 0.63 -2.62 6.55
C SER A 19 0.02 -2.57 5.14
N GLY A 20 0.78 -2.02 4.20
CA GLY A 20 0.49 -1.90 2.78
C GLY A 20 1.50 -2.77 2.01
N THR A 21 1.21 -3.07 0.76
CA THR A 21 2.02 -3.93 -0.07
C THR A 21 1.96 -3.48 -1.51
N VAL A 22 3.08 -3.56 -2.23
CA VAL A 22 3.17 -3.24 -3.62
C VAL A 22 3.06 -4.51 -4.42
N TRP A 23 2.20 -4.33 -5.40
CA TRP A 23 1.74 -5.25 -6.39
C TRP A 23 2.11 -4.61 -7.70
N VAL A 24 3.04 -5.28 -8.35
CA VAL A 24 3.58 -4.78 -9.59
C VAL A 24 2.68 -5.27 -10.69
N GLY A 25 2.73 -4.59 -11.81
CA GLY A 25 1.85 -4.95 -12.90
C GLY A 25 0.40 -4.46 -12.68
N SER A 26 -0.19 -4.72 -11.51
CA SER A 26 -1.53 -4.34 -10.99
C SER A 26 -1.76 -4.85 -9.54
N CYS A 27 -2.71 -4.26 -8.82
CA CYS A 27 -3.15 -4.58 -7.45
C CYS A 27 -3.70 -6.01 -7.28
N ALA A 28 -3.74 -6.43 -6.03
CA ALA A 28 -4.26 -7.70 -5.54
C ALA A 28 -5.80 -7.69 -5.54
N SER A 29 -6.41 -8.85 -5.82
CA SER A 29 -7.86 -9.11 -5.95
C SER A 29 -8.84 -8.32 -5.08
N GLY A 30 -8.66 -8.33 -3.77
CA GLY A 30 -9.55 -7.67 -2.80
C GLY A 30 -8.94 -6.46 -2.10
N TRP A 31 -7.84 -5.94 -2.61
CA TRP A 31 -7.18 -4.76 -2.04
C TRP A 31 -7.59 -3.48 -2.78
N HIS A 32 -7.15 -2.32 -2.27
CA HIS A 32 -7.47 -1.03 -2.89
C HIS A 32 -6.34 -0.02 -2.60
N LYS A 33 -6.35 1.10 -3.31
CA LYS A 33 -5.40 2.19 -3.12
C LYS A 33 -5.53 2.81 -1.75
N CYS A 34 -4.43 2.84 -1.04
CA CYS A 34 -4.38 3.47 0.28
C CYS A 34 -3.82 4.91 0.11
N ASN A 35 -3.53 5.35 -1.12
CA ASN A 35 -2.95 6.66 -1.40
C ASN A 35 -3.20 7.04 -2.85
N ASP A 36 -2.95 8.31 -3.21
CA ASP A 36 -3.21 8.78 -4.58
C ASP A 36 -2.14 8.42 -5.60
N GLU A 37 -0.98 8.02 -5.11
CA GLU A 37 0.16 7.57 -5.90
C GLU A 37 0.25 6.04 -5.76
N TYR A 38 1.16 5.38 -6.47
CA TYR A 38 1.28 3.93 -6.45
C TYR A 38 2.74 3.53 -6.39
N ASN A 39 3.46 3.84 -7.47
CA ASN A 39 4.86 3.52 -7.70
C ASN A 39 5.38 3.95 -9.08
N ILE A 40 6.65 3.63 -9.28
CA ILE A 40 7.50 3.79 -10.45
C ILE A 40 6.89 3.20 -11.73
N ALA A 41 6.25 2.07 -11.50
CA ALA A 41 5.59 1.17 -12.41
C ALA A 41 4.40 0.47 -11.73
N TYR A 42 4.75 -0.08 -10.57
CA TYR A 42 3.97 -0.87 -9.65
C TYR A 42 2.91 -0.05 -8.92
N GLU A 43 2.26 -0.68 -7.94
CA GLU A 43 1.26 0.01 -7.13
C GLU A 43 1.20 -0.46 -5.67
N CYS A 44 1.25 0.51 -4.76
CA CYS A 44 1.13 0.26 -3.34
C CYS A 44 -0.38 0.29 -3.01
N CYS A 45 -0.88 -0.80 -2.42
CA CYS A 45 -2.26 -1.01 -1.98
C CYS A 45 -2.20 -1.49 -0.53
N LYS A 46 -3.37 -1.62 0.11
CA LYS A 46 -3.47 -2.12 1.48
C LYS A 46 -4.62 -3.10 1.72
N GLN A 47 -4.66 -3.67 2.90
CA GLN A 47 -5.67 -4.60 3.46
C GLN A 47 -5.50 -4.72 4.98
N GLY A 1 3.73 -10.08 -1.26
CA GLY A 1 3.92 -8.72 -1.79
C GLY A 1 5.18 -8.12 -1.22
N VAL A 2 5.48 -6.90 -1.65
CA VAL A 2 6.66 -6.14 -1.22
C VAL A 2 6.26 -5.11 -0.16
N CYS A 4 5.51 -1.71 1.27
CA CYS A 4 5.33 -0.34 0.77
C CYS A 4 4.17 0.46 1.36
N ARG A 5 4.49 1.51 2.12
CA ARG A 5 3.55 2.41 2.80
C ARG A 5 2.76 3.31 1.84
N CYS A 6 1.98 4.14 2.49
CA CYS A 6 1.11 5.19 2.00
C CYS A 6 1.27 6.50 2.79
N ASP A 7 0.55 7.56 2.38
CA ASP A 7 0.56 8.87 3.05
C ASP A 7 0.15 8.77 4.52
N SER A 8 -0.95 8.06 4.77
CA SER A 8 -1.56 7.87 6.07
C SER A 8 -0.76 6.96 7.02
N ASP A 9 -0.04 5.99 6.44
CA ASP A 9 0.82 4.88 6.91
C ASP A 9 0.37 3.99 8.08
N GLY A 10 -0.67 4.43 8.78
CA GLY A 10 -1.32 3.77 9.90
C GLY A 10 -2.51 4.54 10.42
N PRO A 11 -3.55 4.63 9.58
CA PRO A 11 -4.79 5.28 9.92
C PRO A 11 -5.61 4.58 11.02
N SER A 12 -5.49 3.25 11.15
CA SER A 12 -6.25 2.43 12.12
C SER A 12 -5.42 1.46 12.96
N VAL A 13 -4.11 1.63 12.88
CA VAL A 13 -3.09 0.81 13.53
C VAL A 13 -1.78 1.60 13.65
N HIS A 14 -0.94 1.22 14.61
CA HIS A 14 0.36 1.77 14.92
C HIS A 14 1.36 1.71 13.74
N GLY A 15 1.67 2.87 13.17
CA GLY A 15 2.63 3.01 12.08
C GLY A 15 4.10 2.94 12.51
N ASN A 16 4.68 1.73 12.54
CA ASN A 16 6.09 1.47 12.88
C ASN A 16 6.92 1.02 11.66
N THR A 17 6.29 0.25 10.77
CA THR A 17 6.83 -0.36 9.56
C THR A 17 5.80 -0.44 8.44
N LEU A 18 6.21 -1.03 7.34
CA LEU A 18 5.51 -1.22 6.09
C LEU A 18 4.24 -2.09 6.14
N SER A 19 3.19 -1.57 6.77
CA SER A 19 1.85 -2.19 6.88
C SER A 19 1.22 -2.29 5.48
N GLY A 20 1.56 -1.33 4.61
CA GLY A 20 1.14 -1.28 3.22
C GLY A 20 2.02 -2.21 2.41
N THR A 21 1.54 -2.65 1.26
CA THR A 21 2.22 -3.60 0.40
C THR A 21 2.08 -3.24 -1.06
N VAL A 22 3.16 -3.36 -1.82
CA VAL A 22 3.18 -3.14 -3.23
C VAL A 22 3.04 -4.47 -3.92
N TRP A 23 2.16 -4.37 -4.87
CA TRP A 23 1.69 -5.35 -5.82
C TRP A 23 2.04 -4.76 -7.14
N VAL A 24 2.82 -5.50 -7.88
CA VAL A 24 3.30 -5.04 -9.16
C VAL A 24 2.38 -5.62 -10.21
N GLY A 25 2.34 -4.96 -11.35
CA GLY A 25 1.48 -5.45 -12.41
C GLY A 25 -0.05 -5.17 -12.21
N SER A 26 -0.46 -4.76 -10.99
CA SER A 26 -1.76 -4.34 -10.40
C SER A 26 -1.96 -4.80 -8.92
N CYS A 27 -2.90 -4.19 -8.18
CA CYS A 27 -3.25 -4.44 -6.76
C CYS A 27 -3.97 -5.77 -6.50
N ALA A 28 -3.81 -6.23 -5.26
CA ALA A 28 -4.41 -7.43 -4.71
C ALA A 28 -5.93 -7.22 -4.61
N SER A 29 -6.71 -8.19 -5.08
CA SER A 29 -8.18 -8.22 -5.18
C SER A 29 -8.96 -7.42 -4.13
N GLY A 30 -8.83 -7.81 -2.86
CA GLY A 30 -9.53 -7.21 -1.71
C GLY A 30 -8.89 -5.98 -1.06
N TRP A 31 -7.80 -5.45 -1.62
CA TRP A 31 -7.13 -4.26 -1.11
C TRP A 31 -7.56 -3.01 -1.88
N HIS A 32 -7.05 -1.84 -1.48
CA HIS A 32 -7.35 -0.58 -2.17
C HIS A 32 -6.20 0.39 -1.99
N LYS A 33 -6.19 1.46 -2.77
CA LYS A 33 -5.19 2.54 -2.71
C LYS A 33 -5.24 3.30 -1.42
N CYS A 34 -4.11 3.31 -0.73
CA CYS A 34 -3.94 4.04 0.51
C CYS A 34 -3.39 5.45 0.19
N ASN A 35 -3.17 5.81 -1.09
CA ASN A 35 -2.61 7.12 -1.44
C ASN A 35 -2.91 7.41 -2.92
N ASP A 36 -2.71 8.67 -3.35
CA ASP A 36 -3.01 9.07 -4.73
C ASP A 36 -2.01 8.57 -5.77
N GLU A 37 -0.81 8.27 -5.31
CA GLU A 37 0.28 7.73 -6.10
C GLU A 37 0.45 6.24 -5.76
N TYR A 38 1.28 5.50 -6.49
CA TYR A 38 1.44 4.06 -6.26
C TYR A 38 2.91 3.68 -6.35
N ASN A 39 3.45 3.79 -7.57
CA ASN A 39 4.80 3.45 -7.94
C ASN A 39 5.10 3.67 -9.42
N ILE A 40 6.37 3.47 -9.74
CA ILE A 40 7.05 3.51 -11.03
C ILE A 40 6.35 2.75 -12.16
N ALA A 41 5.78 1.65 -11.73
CA ALA A 41 5.07 0.62 -12.48
C ALA A 41 3.98 -0.07 -11.67
N TYR A 42 4.36 -0.39 -10.44
CA TYR A 42 3.63 -1.09 -9.42
C TYR A 42 2.57 -0.22 -8.72
N GLU A 43 2.00 -0.78 -7.64
CA GLU A 43 1.01 -0.08 -6.81
C GLU A 43 1.03 -0.48 -5.33
N CYS A 44 1.27 0.52 -4.49
CA CYS A 44 1.29 0.42 -3.04
C CYS A 44 -0.15 0.54 -2.50
N CYS A 45 -0.73 -0.59 -2.10
CA CYS A 45 -2.07 -0.67 -1.51
C CYS A 45 -1.94 -1.06 -0.04
N LYS A 46 -3.07 -1.09 0.65
CA LYS A 46 -3.14 -1.49 2.07
C LYS A 46 -4.37 -2.36 2.39
N GLN A 47 -4.42 -2.85 3.61
CA GLN A 47 -5.47 -3.65 4.24
C GLN A 47 -5.39 -3.52 5.75
N GLY A 1 3.78 -10.49 -2.46
CA GLY A 1 3.82 -9.01 -2.51
C GLY A 1 5.07 -8.48 -1.86
N VAL A 2 5.23 -7.16 -1.80
CA VAL A 2 6.41 -6.47 -1.24
C VAL A 2 6.01 -5.48 -0.16
N CYS A 4 5.39 -2.04 1.52
CA CYS A 4 5.22 -0.67 1.05
C CYS A 4 4.18 0.13 1.85
N ARG A 5 4.55 1.31 2.34
CA ARG A 5 3.66 2.20 3.08
C ARG A 5 2.66 2.94 2.21
N CYS A 6 1.61 3.26 2.92
CA CYS A 6 0.45 4.03 2.49
C CYS A 6 0.71 5.53 2.74
N ASP A 7 -0.09 6.45 2.19
CA ASP A 7 0.12 7.91 2.32
C ASP A 7 0.05 8.38 3.78
N SER A 8 -0.96 7.89 4.47
CA SER A 8 -1.23 8.13 5.89
C SER A 8 -0.66 6.98 6.75
N ASP A 9 0.56 6.53 6.46
CA ASP A 9 1.32 5.42 7.08
C ASP A 9 1.18 5.28 8.59
N GLY A 10 1.07 6.39 9.29
CA GLY A 10 0.98 6.44 10.73
C GLY A 10 -0.34 6.00 11.32
N PRO A 11 -1.30 6.92 11.38
CA PRO A 11 -2.66 6.66 11.86
C PRO A 11 -3.39 5.49 11.16
N SER A 12 -2.82 4.92 10.09
CA SER A 12 -3.43 3.77 9.40
C SER A 12 -3.19 2.48 10.17
N VAL A 13 -2.13 2.44 10.99
CA VAL A 13 -1.77 1.24 11.72
C VAL A 13 -0.93 1.53 12.96
N HIS A 14 -1.19 0.74 14.01
CA HIS A 14 -0.59 0.81 15.36
C HIS A 14 0.95 0.65 15.45
N GLY A 15 1.63 0.40 14.32
CA GLY A 15 3.08 0.27 14.15
C GLY A 15 3.47 0.77 12.75
N ASN A 16 4.30 1.81 12.68
CA ASN A 16 4.79 2.50 11.46
C ASN A 16 5.46 1.67 10.34
N THR A 17 5.78 0.42 10.64
CA THR A 17 6.37 -0.56 9.70
C THR A 17 5.49 -0.81 8.46
N LEU A 18 6.10 -1.37 7.42
CA LEU A 18 5.54 -1.67 6.11
C LEU A 18 4.43 -2.75 6.06
N SER A 19 3.33 -2.49 6.76
CA SER A 19 2.11 -3.32 6.81
C SER A 19 1.44 -3.33 5.44
N GLY A 20 1.46 -2.19 4.74
CA GLY A 20 0.91 -2.07 3.39
C GLY A 20 1.76 -2.91 2.44
N THR A 21 1.23 -3.23 1.26
CA THR A 21 1.92 -4.08 0.28
C THR A 21 1.84 -3.55 -1.13
N VAL A 22 2.97 -3.56 -1.83
CA VAL A 22 3.05 -3.16 -3.21
C VAL A 22 2.90 -4.43 -4.02
N TRP A 23 2.11 -4.21 -5.04
CA TRP A 23 1.67 -5.12 -6.05
C TRP A 23 2.12 -4.45 -7.32
N VAL A 24 2.96 -5.19 -8.00
CA VAL A 24 3.58 -4.74 -9.21
C VAL A 24 2.75 -5.17 -10.38
N GLY A 25 2.64 -4.25 -11.33
CA GLY A 25 1.83 -4.49 -12.51
C GLY A 25 0.37 -4.06 -12.21
N SER A 26 -0.21 -4.49 -11.07
CA SER A 26 -1.56 -4.13 -10.60
C SER A 26 -1.86 -4.58 -9.15
N CYS A 27 -2.84 -3.96 -8.45
CA CYS A 27 -3.27 -4.34 -7.08
C CYS A 27 -3.89 -5.74 -7.03
N ALA A 28 -3.92 -6.25 -5.80
CA ALA A 28 -4.49 -7.52 -5.41
C ALA A 28 -6.03 -7.40 -5.36
N SER A 29 -6.72 -8.38 -5.95
CA SER A 29 -8.18 -8.53 -6.13
C SER A 29 -9.11 -8.02 -5.03
N GLY A 30 -8.77 -8.21 -3.76
CA GLY A 30 -9.60 -7.81 -2.61
C GLY A 30 -9.10 -6.59 -1.83
N TRP A 31 -8.03 -5.93 -2.29
CA TRP A 31 -7.40 -4.78 -1.64
C TRP A 31 -7.83 -3.45 -2.30
N HIS A 32 -7.36 -2.32 -1.75
CA HIS A 32 -7.66 -0.99 -2.32
C HIS A 32 -6.52 -0.01 -2.03
N LYS A 33 -6.56 1.13 -2.71
CA LYS A 33 -5.63 2.25 -2.58
C LYS A 33 -5.65 2.86 -1.19
N CYS A 34 -4.50 2.77 -0.55
CA CYS A 34 -4.26 3.35 0.76
C CYS A 34 -3.53 4.71 0.60
N ASN A 35 -3.48 5.22 -0.64
CA ASN A 35 -2.80 6.46 -1.01
C ASN A 35 -3.38 6.99 -2.33
N ASP A 36 -3.22 8.28 -2.60
CA ASP A 36 -3.67 8.91 -3.85
C ASP A 36 -2.75 8.56 -5.04
N GLU A 37 -1.50 8.23 -4.75
CA GLU A 37 -0.44 7.80 -5.66
C GLU A 37 -0.28 6.27 -5.57
N TYR A 38 0.75 5.65 -6.16
CA TYR A 38 0.95 4.21 -6.05
C TYR A 38 2.42 3.84 -5.96
N ASN A 39 3.17 4.10 -7.04
CA ASN A 39 4.58 3.78 -7.16
C ASN A 39 5.26 4.16 -8.48
N ILE A 40 6.55 3.89 -8.49
CA ILE A 40 7.56 4.03 -9.52
C ILE A 40 7.18 3.39 -10.86
N ALA A 41 6.56 2.23 -10.70
CA ALA A 41 6.10 1.28 -11.68
C ALA A 41 4.78 0.62 -11.24
N TYR A 42 4.85 0.17 -9.99
CA TYR A 42 3.91 -0.55 -9.17
C TYR A 42 2.76 0.24 -8.58
N GLU A 43 2.12 -0.38 -7.59
CA GLU A 43 1.02 0.18 -6.83
C GLU A 43 0.97 -0.32 -5.38
N CYS A 44 0.87 0.63 -4.47
CA CYS A 44 0.74 0.35 -3.05
C CYS A 44 -0.76 0.22 -2.69
N CYS A 45 -1.10 -0.81 -1.92
CA CYS A 45 -2.45 -1.09 -1.42
C CYS A 45 -2.34 -1.66 -0.01
N LYS A 46 -3.48 -1.77 0.65
CA LYS A 46 -3.60 -2.29 2.02
C LYS A 46 -4.72 -3.30 2.23
N GLN A 47 -4.68 -3.96 3.38
CA GLN A 47 -5.60 -4.95 3.98
C GLN A 47 -5.12 -5.28 5.41
N GLY A 1 4.53 -10.23 -3.23
CA GLY A 1 4.44 -8.78 -2.95
C GLY A 1 5.73 -8.26 -2.35
N VAL A 2 5.72 -6.99 -1.98
CA VAL A 2 6.86 -6.26 -1.40
C VAL A 2 6.36 -5.29 -0.33
N CYS A 4 5.51 -1.91 1.25
CA CYS A 4 5.35 -0.53 0.80
C CYS A 4 4.23 0.26 1.50
N ARG A 5 4.59 1.39 2.13
CA ARG A 5 3.70 2.27 2.89
C ARG A 5 2.75 3.09 2.02
N CYS A 6 2.09 3.99 2.72
CA CYS A 6 1.11 4.95 2.24
C CYS A 6 1.04 6.25 3.06
N ASP A 7 0.13 7.16 2.69
CA ASP A 7 -0.12 8.48 3.31
C ASP A 7 -0.37 8.37 4.82
N SER A 8 -1.23 7.43 5.21
CA SER A 8 -1.58 7.13 6.60
C SER A 8 -0.71 6.03 7.24
N ASP A 9 0.16 5.40 6.44
CA ASP A 9 1.13 4.30 6.59
C ASP A 9 0.72 3.01 7.29
N GLY A 10 -0.39 3.05 8.00
CA GLY A 10 -1.02 1.95 8.72
C GLY A 10 -2.25 2.42 9.47
N PRO A 11 -3.27 2.86 8.72
CA PRO A 11 -4.51 3.42 9.22
C PRO A 11 -5.31 2.61 10.25
N SER A 12 -5.00 1.32 10.37
CA SER A 12 -5.62 0.38 11.31
C SER A 12 -5.11 0.52 12.74
N VAL A 13 -3.92 1.10 12.90
CA VAL A 13 -3.23 1.26 14.18
C VAL A 13 -2.35 2.52 14.23
N HIS A 14 -1.28 2.47 15.02
CA HIS A 14 -0.30 3.52 15.32
C HIS A 14 1.16 3.19 14.90
N GLY A 15 1.45 1.93 14.55
CA GLY A 15 2.79 1.43 14.17
C GLY A 15 3.28 1.77 12.76
N ASN A 16 3.97 2.91 12.60
CA ASN A 16 4.55 3.52 11.39
C ASN A 16 5.55 2.62 10.64
N THR A 17 5.02 1.58 10.02
CA THR A 17 5.72 0.51 9.29
C THR A 17 5.11 0.13 7.95
N LEU A 18 5.83 -0.68 7.17
CA LEU A 18 5.43 -1.24 5.88
C LEU A 18 4.35 -2.31 5.97
N SER A 19 3.24 -1.97 6.64
CA SER A 19 2.05 -2.82 6.77
C SER A 19 1.35 -2.89 5.40
N GLY A 20 1.56 -1.87 4.56
CA GLY A 20 1.05 -1.79 3.20
C GLY A 20 1.93 -2.68 2.31
N THR A 21 1.54 -2.91 1.07
CA THR A 21 2.28 -3.78 0.17
C THR A 21 2.16 -3.36 -1.28
N VAL A 22 3.24 -3.50 -2.04
CA VAL A 22 3.29 -3.21 -3.43
C VAL A 22 3.13 -4.54 -4.15
N TRP A 23 2.28 -4.39 -5.14
CA TRP A 23 1.76 -5.32 -6.10
C TRP A 23 2.06 -4.64 -7.39
N VAL A 24 2.71 -5.37 -8.26
CA VAL A 24 3.12 -4.79 -9.51
C VAL A 24 2.11 -5.15 -10.57
N GLY A 25 2.12 -4.36 -11.64
CA GLY A 25 1.15 -4.60 -12.69
C GLY A 25 -0.27 -4.07 -12.33
N SER A 26 -0.80 -4.41 -11.14
CA SER A 26 -2.09 -4.02 -10.53
C SER A 26 -2.15 -4.45 -9.04
N CYS A 27 -3.15 -3.97 -8.27
CA CYS A 27 -3.43 -4.29 -6.85
C CYS A 27 -4.05 -5.67 -6.64
N ALA A 28 -4.05 -6.10 -5.38
CA ALA A 28 -4.60 -7.36 -4.90
C ALA A 28 -6.13 -7.30 -4.72
N SER A 29 -6.80 -8.41 -5.05
CA SER A 29 -8.23 -8.80 -5.09
C SER A 29 -9.26 -8.27 -4.06
N GLY A 30 -8.81 -7.58 -3.00
CA GLY A 30 -9.64 -7.03 -1.93
C GLY A 30 -9.01 -5.86 -1.17
N TRP A 31 -7.89 -5.33 -1.67
CA TRP A 31 -7.17 -4.18 -1.11
C TRP A 31 -7.57 -2.89 -1.84
N HIS A 32 -7.03 -1.74 -1.41
CA HIS A 32 -7.31 -0.44 -2.04
C HIS A 32 -6.14 0.53 -1.85
N LYS A 33 -6.16 1.64 -2.59
CA LYS A 33 -5.19 2.74 -2.54
C LYS A 33 -5.20 3.44 -1.20
N CYS A 34 -4.10 3.30 -0.48
CA CYS A 34 -3.92 3.96 0.80
C CYS A 34 -3.33 5.38 0.57
N ASN A 35 -3.11 5.78 -0.69
CA ASN A 35 -2.51 7.05 -1.10
C ASN A 35 -2.88 7.38 -2.55
N ASP A 36 -2.64 8.63 -2.97
CA ASP A 36 -2.99 9.11 -4.33
C ASP A 36 -2.16 8.48 -5.43
N GLU A 37 -0.87 8.36 -5.17
CA GLU A 37 0.14 7.73 -6.02
C GLU A 37 0.28 6.23 -5.73
N TYR A 38 1.14 5.51 -6.47
CA TYR A 38 1.31 4.08 -6.31
C TYR A 38 2.78 3.69 -6.37
N ASN A 39 3.39 3.82 -7.56
CA ASN A 39 4.76 3.46 -7.86
C ASN A 39 5.19 3.69 -9.31
N ILE A 40 6.50 3.54 -9.51
CA ILE A 40 7.31 3.61 -10.71
C ILE A 40 6.73 2.88 -11.93
N ALA A 41 6.25 1.69 -11.61
CA ALA A 41 5.69 0.66 -12.43
C ALA A 41 4.43 0.05 -11.80
N TYR A 42 4.63 -0.28 -10.52
CA TYR A 42 3.77 -0.92 -9.55
C TYR A 42 2.68 -0.05 -8.93
N GLU A 43 2.14 -0.60 -7.83
CA GLU A 43 1.13 0.03 -7.01
C GLU A 43 1.15 -0.42 -5.55
N CYS A 44 1.20 0.56 -4.68
CA CYS A 44 1.17 0.35 -3.23
C CYS A 44 -0.30 0.40 -2.79
N CYS A 45 -0.74 -0.61 -2.04
CA CYS A 45 -2.08 -0.72 -1.45
C CYS A 45 -1.94 -1.20 -0.01
N LYS A 46 -3.05 -1.27 0.70
CA LYS A 46 -3.10 -1.75 2.09
C LYS A 46 -4.30 -2.66 2.41
N GLN A 47 -4.28 -3.21 3.61
CA GLN A 47 -5.23 -4.08 4.34
C GLN A 47 -4.84 -4.12 5.84
N GLY A 1 2.54 -10.13 -2.32
CA GLY A 1 3.38 -9.11 -2.95
C GLY A 1 4.48 -8.71 -2.00
N VAL A 2 5.01 -7.50 -2.21
CA VAL A 2 6.10 -6.90 -1.43
C VAL A 2 5.52 -6.05 -0.30
N CYS A 4 4.52 -2.90 1.62
CA CYS A 4 4.38 -1.47 1.34
C CYS A 4 3.30 -0.78 2.19
N ARG A 5 3.63 0.42 2.69
CA ARG A 5 2.77 1.32 3.48
C ARG A 5 1.60 1.84 2.66
N CYS A 6 0.78 2.63 3.32
CA CYS A 6 -0.44 3.26 2.82
C CYS A 6 -0.59 4.72 3.30
N ASP A 7 -1.66 5.41 2.88
CA ASP A 7 -1.95 6.84 3.19
C ASP A 7 -2.12 7.12 4.68
N SER A 8 -2.67 6.12 5.38
CA SER A 8 -2.89 6.09 6.82
C SER A 8 -2.06 4.95 7.41
N ASP A 9 -0.78 4.84 7.05
CA ASP A 9 0.10 3.81 7.61
C ASP A 9 0.17 3.84 9.15
N GLY A 10 -0.04 5.01 9.76
CA GLY A 10 -0.06 5.21 11.20
C GLY A 10 -0.06 6.66 11.68
N PRO A 11 -1.13 7.38 11.34
CA PRO A 11 -1.32 8.77 11.76
C PRO A 11 -1.49 9.04 13.27
N SER A 12 -1.95 8.07 14.07
CA SER A 12 -2.20 8.26 15.50
C SER A 12 -1.05 7.85 16.37
N VAL A 13 -0.20 6.97 15.87
CA VAL A 13 0.93 6.40 16.59
C VAL A 13 2.01 5.89 15.66
N HIS A 14 3.26 6.16 16.02
CA HIS A 14 4.47 5.84 15.28
C HIS A 14 4.64 4.33 14.97
N GLY A 15 4.21 3.91 13.77
CA GLY A 15 4.26 2.52 13.34
C GLY A 15 4.47 2.37 11.83
N ASN A 16 5.69 2.02 11.40
CA ASN A 16 6.03 1.81 9.97
C ASN A 16 5.65 0.40 9.52
N THR A 17 4.39 0.09 9.75
CA THR A 17 3.76 -1.20 9.48
C THR A 17 3.29 -1.47 8.06
N LEU A 18 4.13 -2.25 7.38
CA LEU A 18 3.96 -2.73 6.01
C LEU A 18 2.96 -3.90 5.88
N SER A 19 1.80 -3.77 6.53
CA SER A 19 0.70 -4.77 6.46
C SER A 19 0.12 -4.76 5.04
N GLY A 20 0.20 -3.58 4.38
CA GLY A 20 -0.21 -3.32 3.02
C GLY A 20 0.77 -4.01 2.08
N THR A 21 0.55 -3.97 0.78
CA THR A 21 1.41 -4.68 -0.16
C THR A 21 1.46 -4.02 -1.52
N VAL A 22 2.66 -3.97 -2.11
CA VAL A 22 2.87 -3.46 -3.43
C VAL A 22 2.86 -4.64 -4.37
N TRP A 23 2.16 -4.36 -5.43
CA TRP A 23 1.86 -5.17 -6.58
C TRP A 23 2.36 -4.38 -7.73
N VAL A 24 3.44 -4.89 -8.27
CA VAL A 24 4.11 -4.24 -9.37
C VAL A 24 3.31 -4.55 -10.61
N GLY A 25 3.50 -3.74 -11.63
CA GLY A 25 2.74 -3.94 -12.83
C GLY A 25 1.32 -3.27 -12.66
N SER A 26 0.62 -3.55 -11.54
CA SER A 26 -0.70 -3.11 -11.01
C SER A 26 -1.23 -4.00 -9.84
N CYS A 27 -2.21 -3.54 -9.07
CA CYS A 27 -2.88 -4.17 -7.90
C CYS A 27 -3.45 -5.58 -8.09
N ALA A 28 -3.54 -6.29 -6.96
CA ALA A 28 -4.10 -7.62 -6.84
C ALA A 28 -5.63 -7.56 -6.94
N SER A 29 -6.20 -8.48 -7.72
CA SER A 29 -7.61 -8.69 -8.09
C SER A 29 -8.69 -8.27 -7.09
N GLY A 30 -8.53 -8.59 -5.81
CA GLY A 30 -9.50 -8.31 -4.73
C GLY A 30 -9.10 -7.23 -3.73
N TRP A 31 -8.03 -6.49 -3.98
CA TRP A 31 -7.54 -5.40 -3.12
C TRP A 31 -7.91 -4.03 -3.70
N HIS A 32 -7.53 -2.96 -3.01
CA HIS A 32 -7.78 -1.59 -3.50
C HIS A 32 -6.68 -0.67 -3.02
N LYS A 33 -6.56 0.47 -3.69
CA LYS A 33 -5.60 1.53 -3.39
C LYS A 33 -5.75 2.07 -2.00
N CYS A 34 -4.73 1.80 -1.20
CA CYS A 34 -4.68 2.30 0.14
C CYS A 34 -4.11 3.73 0.16
N ASN A 35 -3.83 4.34 -1.01
CA ASN A 35 -3.34 5.72 -1.05
C ASN A 35 -3.59 6.34 -2.43
N ASP A 36 -3.48 7.66 -2.54
CA ASP A 36 -3.68 8.40 -3.80
C ASP A 36 -2.59 8.13 -4.83
N GLU A 37 -1.37 8.00 -4.33
CA GLU A 37 -0.15 7.68 -5.07
C GLU A 37 0.02 6.14 -5.06
N TYR A 38 1.09 5.59 -5.59
CA TYR A 38 1.27 4.15 -5.64
C TYR A 38 2.71 3.75 -5.44
N ASN A 39 3.52 4.11 -6.45
CA ASN A 39 4.94 3.85 -6.52
C ASN A 39 5.54 4.34 -7.86
N ILE A 40 6.87 4.21 -7.90
CA ILE A 40 7.82 4.48 -8.98
C ILE A 40 7.44 3.92 -10.37
N ALA A 41 6.76 2.78 -10.26
CA ALA A 41 6.28 1.92 -11.32
C ALA A 41 5.09 1.06 -10.90
N TYR A 42 5.20 0.53 -9.68
CA TYR A 42 4.33 -0.37 -8.97
C TYR A 42 3.10 0.32 -8.36
N GLU A 43 2.39 -0.43 -7.52
CA GLU A 43 1.22 0.10 -6.79
C GLU A 43 0.95 -0.56 -5.43
N CYS A 44 0.89 0.29 -4.40
CA CYS A 44 0.64 -0.09 -3.02
C CYS A 44 -0.88 -0.14 -2.74
N CYS A 45 -1.37 -1.33 -2.40
CA CYS A 45 -2.75 -1.63 -2.03
C CYS A 45 -2.79 -2.28 -0.66
N LYS A 46 -4.00 -2.52 -0.16
CA LYS A 46 -4.23 -3.19 1.12
C LYS A 46 -5.36 -4.20 1.10
N GLN A 47 -5.46 -4.96 2.19
CA GLN A 47 -6.39 -6.00 2.58
C GLN A 47 -6.08 -6.40 4.04
#